data_5IKO
#
_entry.id   5IKO
#
_cell.length_a   171.660
_cell.length_b   171.660
_cell.length_c   122.920
_cell.angle_alpha   90.00
_cell.angle_beta   90.00
_cell.angle_gamma   120.00
#
_symmetry.space_group_name_H-M   'P 6 2 2'
#
loop_
_entity.id
_entity.type
_entity.pdbx_description
1 polymer 'Glycogen phosphorylase, brain form'
2 non-polymer 'HEXAETHYLENE GLYCOL'
3 non-polymer 'PHOSPHATE ION'
4 non-polymer "PYRIDOXAL-5'-PHOSPHATE"
5 water water
#
_entity_poly.entity_id   1
_entity_poly.type   'polypeptide(L)'
_entity_poly.pdbx_seq_one_letter_code
;GSHMAKPLTDSEKRKQISVRGLAGLGDVAEVRKSFNRHLHFTLVKDRNVATPRDYFFALAHTVRDHLVGRWIRTQQHYYE
RDPKRIYYLSLEFYMGRTLQNTMVNLGLQNACDEAIYQLGLDLEELEEIEEDAGLGNGGLGRLAACFLDSMATLGLAAYG
YGIRYEFGIFNQKIVNGWQVEEADDWLRYGNPWEKARPEYMLPVHFYGRVEHTPDGVKWLDTQVVLAMPYDTPVPGYKNN
TVNTMRLWSAKAPNDFKLQDFNVGDYIEAVLDRNLAENISRVLYPNDNFFEGKELRLKQEYFVVAATLQDIIRRFKSSKF
GCRDPVRTCFETFPDKVAIQLNDTHPALSIPELMRILVDVEKVDWDKAWEITKKTCAYTNHTVLPEALERWPVSMFEKLL
PRHLEIIYAINQRHLDHVAALFPGDVDRLRRMSVIEEGDCKRINMAHLCVIGSHAVNGVARIHSEIVKQSVFKDFYELEP
EKFQNKTNGITPRRWLLLCNPGLADTIVEKIGEEFLTDLSQLKKLLPLVSDEVFIRDVAKVKQENKLKFSAFLEKEYKVK
INPSSMFDVHVKRIHEYKRQLLNCLHVVTLYNRIKRDPAKAFVPRTVMIGGKAAPGYHMAKLIIKLVTSIGDVVNHDPVV
GDRLKVIFLENYRVSLAEKVIPAADLSQQISTAGTEASGTGNMKFMLNGALTIGTMDGANVEMAEEAGAENLFIFGLRVE
DVEALDRKGYNAREYYDHLPELKQAVDQISSGFFSPKEPDCFKDIVNMLMHHDRFKVFADYEAYMQCQAQVDQLYRNPKE
WTKKVIRNIACSGKFSSDRTITEYAREIWGVEPSDLQIPPPNIPRD
;
_entity_poly.pdbx_strand_id   A
#
# COMPACT_ATOMS: atom_id res chain seq x y z
N LEU A 25 8.97 -7.99 37.60
CA LEU A 25 9.74 -7.18 36.63
C LEU A 25 9.88 -5.73 37.11
N GLY A 26 11.07 -5.16 36.88
CA GLY A 26 11.36 -3.74 37.11
C GLY A 26 10.81 -2.89 35.96
N ASP A 27 10.60 -3.56 34.82
CA ASP A 27 10.03 -2.99 33.58
C ASP A 27 8.57 -2.54 33.77
N VAL A 28 7.76 -3.38 34.40
CA VAL A 28 6.34 -3.09 34.67
C VAL A 28 6.21 -1.85 35.57
N ALA A 29 7.10 -1.73 36.57
CA ALA A 29 7.15 -0.58 37.46
C ALA A 29 7.58 0.71 36.75
N GLU A 30 8.50 0.60 35.79
CA GLU A 30 9.02 1.76 35.03
C GLU A 30 7.93 2.37 34.11
N VAL A 31 7.21 1.51 33.39
CA VAL A 31 6.08 1.90 32.52
C VAL A 31 4.97 2.58 33.31
N ARG A 32 4.68 2.05 34.49
CA ARG A 32 3.69 2.57 35.39
C ARG A 32 4.07 3.99 35.84
N LYS A 33 5.34 4.14 36.23
CA LYS A 33 5.91 5.43 36.68
C LYS A 33 5.98 6.45 35.53
N SER A 34 6.33 5.98 34.32
CA SER A 34 6.39 6.84 33.12
C SER A 34 5.02 7.30 32.63
N PHE A 35 4.01 6.43 32.75
CA PHE A 35 2.61 6.70 32.35
C PHE A 35 2.06 7.82 33.21
N ASN A 36 2.20 7.69 34.52
CA ASN A 36 1.74 8.72 35.45
C ASN A 36 2.49 10.01 35.28
N ARG A 37 3.79 9.91 35.01
CA ARG A 37 4.60 11.10 34.75
C ARG A 37 4.14 11.82 33.50
N HIS A 38 3.86 11.08 32.41
CA HIS A 38 3.32 11.68 31.21
C HIS A 38 1.91 12.25 31.41
N LEU A 39 1.10 11.56 32.21
CA LEU A 39 -0.25 12.00 32.53
C LEU A 39 -0.22 13.33 33.28
N HIS A 40 0.68 13.47 34.25
CA HIS A 40 0.80 14.71 35.01
C HIS A 40 1.56 15.83 34.28
N PHE A 41 2.80 15.55 33.88
CA PHE A 41 3.68 16.59 33.34
C PHE A 41 3.50 16.89 31.85
N THR A 42 3.19 15.88 31.02
CA THR A 42 2.98 16.08 29.59
C THR A 42 1.52 16.47 29.35
N LEU A 43 0.56 15.68 29.85
CA LEU A 43 -0.87 15.91 29.52
C LEU A 43 -1.48 17.01 30.42
N VAL A 44 -0.85 17.25 31.57
CA VAL A 44 -1.30 18.18 32.62
C VAL A 44 -2.74 17.83 33.02
N LYS A 45 -2.87 16.57 33.44
CA LYS A 45 -4.14 15.93 33.87
C LYS A 45 -3.89 15.08 35.12
N ASP A 46 -4.99 14.67 35.74
CA ASP A 46 -5.01 13.63 36.82
C ASP A 46 -6.06 12.60 36.36
N ARG A 47 -6.13 11.49 37.10
CA ARG A 47 -7.04 10.36 36.78
C ARG A 47 -8.53 10.66 36.87
N ASN A 48 -8.89 11.75 37.56
CA ASN A 48 -10.30 12.17 37.59
C ASN A 48 -10.79 12.87 36.36
N VAL A 49 -9.89 13.63 35.71
CA VAL A 49 -10.27 14.42 34.51
C VAL A 49 -9.86 13.73 33.23
N ALA A 50 -9.01 12.71 33.30
CA ALA A 50 -8.50 12.02 32.12
C ALA A 50 -9.55 11.14 31.42
N THR A 51 -9.49 11.18 30.10
CA THR A 51 -10.33 10.40 29.20
C THR A 51 -9.51 9.18 28.78
N PRO A 52 -10.16 8.16 28.19
CA PRO A 52 -9.36 7.04 27.62
C PRO A 52 -8.33 7.51 26.58
N ARG A 53 -8.67 8.51 25.79
CA ARG A 53 -7.72 9.09 24.81
C ARG A 53 -6.44 9.66 25.53
N ASP A 54 -6.62 10.39 26.63
CA ASP A 54 -5.50 10.87 27.42
C ASP A 54 -4.61 9.69 27.88
N TYR A 55 -5.26 8.59 28.26
CA TYR A 55 -4.55 7.37 28.68
C TYR A 55 -3.77 6.73 27.52
N PHE A 56 -4.33 6.74 26.33
CA PHE A 56 -3.66 6.25 25.14
C PHE A 56 -2.38 7.10 24.88
N PHE A 57 -2.54 8.42 24.92
CA PHE A 57 -1.45 9.41 24.77
C PHE A 57 -0.36 9.24 25.82
N ALA A 58 -0.75 9.13 27.08
CA ALA A 58 0.18 8.94 28.21
C ALA A 58 1.05 7.69 27.97
N LEU A 59 0.42 6.63 27.47
CA LEU A 59 1.10 5.38 27.17
C LEU A 59 1.97 5.52 25.94
N ALA A 60 1.44 6.17 24.90
CA ALA A 60 2.14 6.40 23.65
C ALA A 60 3.44 7.21 23.85
N HIS A 61 3.43 8.16 24.79
CA HIS A 61 4.60 8.94 25.17
C HIS A 61 5.62 8.14 25.93
N THR A 62 5.13 7.30 26.84
CA THR A 62 5.96 6.41 27.66
C THR A 62 6.81 5.50 26.75
N VAL A 63 6.15 4.97 25.74
CA VAL A 63 6.69 4.02 24.77
C VAL A 63 7.62 4.73 23.75
N ARG A 64 7.26 5.92 23.32
CA ARG A 64 8.06 6.73 22.42
C ARG A 64 9.41 7.08 23.04
N ASP A 65 9.44 7.35 24.35
CA ASP A 65 10.68 7.63 25.11
C ASP A 65 11.73 6.52 24.93
N HIS A 66 11.31 5.27 24.90
CA HIS A 66 12.20 4.12 24.61
C HIS A 66 12.80 4.12 23.19
N LEU A 67 12.10 4.75 22.24
CA LEU A 67 12.60 4.89 20.87
C LEU A 67 13.61 6.01 20.72
N VAL A 68 13.39 7.08 21.45
CA VAL A 68 14.12 8.33 21.34
C VAL A 68 15.62 8.11 21.57
N GLY A 69 15.97 7.38 22.61
CA GLY A 69 17.36 7.02 22.92
C GLY A 69 18.08 6.40 21.73
N ARG A 70 17.45 5.39 21.12
CA ARG A 70 17.94 4.73 19.91
C ARG A 70 17.90 5.64 18.67
N TRP A 71 16.85 6.46 18.55
CA TRP A 71 16.67 7.40 17.43
C TRP A 71 17.82 8.42 17.36
N ILE A 72 18.14 9.02 18.50
CA ILE A 72 19.25 9.96 18.62
C ILE A 72 20.59 9.25 18.29
N ARG A 73 20.81 8.09 18.90
CA ARG A 73 22.03 7.29 18.71
C ARG A 73 22.21 6.87 17.24
N THR A 74 21.12 6.44 16.59
CA THR A 74 21.11 6.08 15.16
C THR A 74 21.54 7.22 14.26
N GLN A 75 20.98 8.41 14.51
CA GLN A 75 21.33 9.59 13.71
C GLN A 75 22.78 10.07 14.02
N GLN A 76 23.25 9.89 15.25
CA GLN A 76 24.65 10.20 15.64
C GLN A 76 25.61 9.25 14.94
N HIS A 77 25.18 7.98 14.83
CA HIS A 77 25.92 6.92 14.16
C HIS A 77 26.01 7.15 12.64
N TYR A 78 24.92 7.54 11.97
CA TYR A 78 25.00 7.81 10.53
C TYR A 78 25.84 9.05 10.18
N TYR A 79 25.93 9.99 11.11
CA TYR A 79 26.69 11.22 10.94
C TYR A 79 28.20 10.92 11.08
N GLU A 80 28.54 10.09 12.06
CA GLU A 80 29.91 9.68 12.33
C GLU A 80 30.47 8.79 11.21
N ARG A 81 29.74 7.73 10.87
CA ARG A 81 30.17 6.74 9.92
C ARG A 81 29.85 7.02 8.46
N ASP A 82 29.21 8.17 8.18
CA ASP A 82 28.72 8.59 6.83
C ASP A 82 28.36 7.48 5.81
N PRO A 83 27.37 6.61 6.13
CA PRO A 83 26.98 5.58 5.17
C PRO A 83 26.18 6.13 4.02
N LYS A 84 26.04 5.32 2.97
CA LYS A 84 25.25 5.68 1.81
C LYS A 84 23.80 5.72 2.31
N ARG A 85 23.07 6.80 2.00
CA ARG A 85 21.70 6.98 2.49
C ARG A 85 20.67 6.59 1.43
N ILE A 86 19.62 5.89 1.88
CA ILE A 86 18.52 5.44 0.99
C ILE A 86 17.29 6.33 1.22
N TYR A 87 16.81 6.92 0.14
CA TYR A 87 15.68 7.80 0.22
C TYR A 87 14.53 7.17 -0.56
N TYR A 88 13.47 6.81 0.16
CA TYR A 88 12.30 6.17 -0.45
C TYR A 88 11.19 7.21 -0.51
N LEU A 89 10.92 7.65 -1.74
CA LEU A 89 9.98 8.71 -2.05
C LEU A 89 8.64 8.10 -2.52
N SER A 90 7.60 8.42 -1.76
CA SER A 90 6.25 7.92 -2.05
C SER A 90 5.21 8.96 -1.63
N LEU A 91 4.16 9.10 -2.45
CA LEU A 91 2.99 9.92 -2.09
C LEU A 91 2.01 9.20 -1.15
N GLU A 92 2.37 8.00 -0.70
CA GLU A 92 1.57 7.16 0.16
C GLU A 92 2.46 6.39 1.19
N PHE A 93 2.02 6.38 2.45
CA PHE A 93 2.61 5.61 3.57
C PHE A 93 1.46 5.08 4.42
N TYR A 94 1.02 3.85 4.11
CA TYR A 94 -0.12 3.22 4.76
C TYR A 94 0.42 2.54 6.00
N MET A 95 0.61 3.35 7.03
CA MET A 95 1.29 3.00 8.27
C MET A 95 0.45 2.26 9.30
N GLY A 96 -0.87 2.51 9.30
CA GLY A 96 -1.78 1.95 10.29
C GLY A 96 -1.51 2.59 11.67
N ARG A 97 -1.64 1.76 12.71
CA ARG A 97 -1.46 2.15 14.08
C ARG A 97 -0.07 1.71 14.54
N THR A 98 0.51 2.49 15.42
CA THR A 98 1.91 2.43 15.77
C THR A 98 2.15 1.83 17.17
N LEU A 99 1.21 1.97 18.11
CA LEU A 99 1.45 1.57 19.51
C LEU A 99 1.90 0.11 19.62
N GLN A 100 1.17 -0.81 19.00
CA GLN A 100 1.47 -2.23 19.12
C GLN A 100 2.85 -2.59 18.48
N ASN A 101 3.12 -2.11 17.27
CA ASN A 101 4.38 -2.34 16.57
C ASN A 101 5.56 -1.84 17.39
N THR A 102 5.47 -0.61 17.87
CA THR A 102 6.46 -0.03 18.72
C THR A 102 6.72 -0.88 19.99
N MET A 103 5.66 -1.34 20.67
CA MET A 103 5.82 -2.14 21.90
C MET A 103 6.53 -3.47 21.63
N VAL A 104 6.18 -4.11 20.53
CA VAL A 104 6.75 -5.41 20.16
C VAL A 104 8.21 -5.30 19.67
N ASN A 105 8.55 -4.27 18.87
CA ASN A 105 9.95 -4.06 18.39
C ASN A 105 10.91 -3.67 19.50
N LEU A 106 10.37 -3.23 20.66
CA LEU A 106 11.13 -2.89 21.87
C LEU A 106 11.01 -3.94 22.94
N GLY A 107 10.22 -4.98 22.68
CA GLY A 107 10.00 -6.05 23.62
C GLY A 107 9.15 -5.71 24.86
N LEU A 108 8.52 -4.54 24.86
CA LEU A 108 7.75 -4.06 26.02
C LEU A 108 6.26 -4.43 26.04
N GLN A 109 5.77 -5.24 25.07
CA GLN A 109 4.34 -5.62 25.03
C GLN A 109 3.85 -6.20 26.36
N ASN A 110 4.52 -7.24 26.86
CA ASN A 110 4.11 -7.92 28.11
C ASN A 110 4.17 -7.00 29.33
N ALA A 111 5.24 -6.21 29.42
CA ALA A 111 5.40 -5.23 30.51
C ALA A 111 4.31 -4.13 30.48
N CYS A 112 3.89 -3.71 29.28
CA CYS A 112 2.85 -2.66 29.13
C CYS A 112 1.49 -3.21 29.46
N ASP A 113 1.20 -4.43 28.99
CA ASP A 113 -0.07 -5.14 29.26
C ASP A 113 -0.31 -5.22 30.76
N GLU A 114 0.72 -5.63 31.51
CA GLU A 114 0.66 -5.75 32.97
C GLU A 114 0.57 -4.39 33.67
N ALA A 115 1.39 -3.42 33.25
CA ALA A 115 1.39 -2.09 33.83
C ALA A 115 0.01 -1.40 33.66
N ILE A 116 -0.54 -1.45 32.46
CA ILE A 116 -1.86 -0.92 32.12
C ILE A 116 -2.98 -1.62 32.93
N TYR A 117 -2.92 -2.96 33.04
CA TYR A 117 -3.81 -3.73 33.93
C TYR A 117 -3.76 -3.25 35.39
N GLN A 118 -2.56 -3.17 35.96
CA GLN A 118 -2.33 -2.67 37.33
C GLN A 118 -2.82 -1.23 37.51
N LEU A 119 -2.85 -0.44 36.43
CA LEU A 119 -3.37 0.94 36.44
C LEU A 119 -4.88 0.99 36.34
N GLY A 120 -5.54 -0.13 36.08
CA GLY A 120 -7.00 -0.19 36.06
C GLY A 120 -7.59 -0.01 34.68
N LEU A 121 -6.76 -0.16 33.65
CA LEU A 121 -7.11 0.09 32.25
C LEU A 121 -6.94 -1.17 31.43
N ASP A 122 -7.31 -1.14 30.16
CA ASP A 122 -7.20 -2.28 29.26
C ASP A 122 -6.38 -1.85 28.02
N LEU A 123 -5.25 -2.53 27.81
CA LEU A 123 -4.32 -2.23 26.73
C LEU A 123 -5.00 -2.25 25.36
N GLU A 124 -5.76 -3.30 25.08
CA GLU A 124 -6.49 -3.42 23.82
C GLU A 124 -7.54 -2.28 23.62
N GLU A 125 -8.19 -1.84 24.70
CA GLU A 125 -9.12 -0.69 24.61
C GLU A 125 -8.37 0.58 24.18
N LEU A 126 -7.21 0.81 24.80
CA LEU A 126 -6.32 1.93 24.50
C LEU A 126 -5.78 1.85 23.08
N GLU A 127 -5.39 0.64 22.65
CA GLU A 127 -4.98 0.35 21.27
C GLU A 127 -6.01 0.75 20.26
N GLU A 128 -7.30 0.59 20.58
CA GLU A 128 -8.44 0.93 19.68
C GLU A 128 -8.73 2.43 19.59
N ILE A 129 -8.27 3.22 20.57
CA ILE A 129 -8.43 4.70 20.56
C ILE A 129 -7.49 5.35 19.52
N GLU A 130 -6.35 4.71 19.22
CA GLU A 130 -5.42 5.22 18.23
C GLU A 130 -6.05 5.24 16.83
N GLU A 131 -5.78 6.33 16.12
CA GLU A 131 -6.21 6.52 14.77
C GLU A 131 -5.27 5.80 13.78
N ASP A 132 -5.84 5.24 12.72
CA ASP A 132 -5.08 4.73 11.60
C ASP A 132 -4.53 6.01 10.96
N ALA A 133 -3.20 6.07 10.81
CA ALA A 133 -2.54 7.18 10.14
C ALA A 133 -3.14 7.32 8.76
N GLY A 134 -3.69 8.51 8.48
CA GLY A 134 -4.25 8.85 7.16
C GLY A 134 -3.16 9.31 6.23
N LEU A 135 -2.25 8.40 5.90
CA LEU A 135 -1.03 8.70 5.13
C LEU A 135 -0.89 7.85 3.86
N GLY A 136 -1.71 6.81 3.79
CA GLY A 136 -1.75 5.87 2.70
C GLY A 136 -3.17 5.63 2.21
N ASN A 137 -3.29 4.83 1.16
CA ASN A 137 -4.57 4.52 0.54
C ASN A 137 -4.75 3.01 0.23
N GLY A 138 -3.80 2.41 -0.49
CA GLY A 138 -3.87 1.02 -0.86
C GLY A 138 -2.50 0.36 -0.88
N GLY A 139 -2.34 -0.56 -1.85
CA GLY A 139 -1.16 -1.41 -2.00
C GLY A 139 0.19 -0.72 -2.02
N LEU A 140 0.27 0.37 -2.80
CA LEU A 140 1.46 1.18 -2.98
C LEU A 140 1.94 1.80 -1.65
N GLY A 141 0.99 2.26 -0.84
CA GLY A 141 1.27 2.84 0.47
C GLY A 141 1.67 1.83 1.52
N ARG A 142 1.02 0.67 1.53
CA ARG A 142 1.35 -0.39 2.48
C ARG A 142 2.71 -1.01 2.16
N LEU A 143 3.04 -1.08 0.86
CA LEU A 143 4.32 -1.54 0.39
C LEU A 143 5.46 -0.67 0.96
N ALA A 144 5.22 0.66 0.93
CA ALA A 144 6.15 1.65 1.45
C ALA A 144 6.36 1.47 2.93
N ALA A 145 5.30 1.24 3.67
CA ALA A 145 5.37 1.04 5.13
C ALA A 145 6.09 -0.25 5.52
N CYS A 146 5.83 -1.35 4.79
CA CYS A 146 6.49 -2.65 4.99
C CYS A 146 8.02 -2.51 4.71
N PHE A 147 8.34 -1.79 3.63
CA PHE A 147 9.72 -1.47 3.22
C PHE A 147 10.50 -0.71 4.29
N LEU A 148 9.91 0.34 4.81
CA LEU A 148 10.48 1.14 5.88
C LEU A 148 10.80 0.28 7.12
N ASP A 149 9.89 -0.65 7.45
CA ASP A 149 10.08 -1.56 8.62
C ASP A 149 11.25 -2.52 8.35
N SER A 150 11.37 -2.98 7.11
CA SER A 150 12.42 -3.90 6.71
C SER A 150 13.78 -3.23 6.67
N MET A 151 13.85 -2.06 6.03
CA MET A 151 15.08 -1.26 5.94
C MET A 151 15.69 -0.96 7.31
N ALA A 152 14.84 -0.76 8.31
CA ALA A 152 15.22 -0.50 9.70
C ALA A 152 15.70 -1.80 10.39
N THR A 153 14.99 -2.90 10.12
CA THR A 153 15.33 -4.23 10.63
C THR A 153 16.65 -4.76 10.04
N LEU A 154 16.96 -4.40 8.79
CA LEU A 154 18.18 -4.76 8.11
C LEU A 154 19.36 -3.78 8.39
N GLY A 155 19.10 -2.73 9.16
CA GLY A 155 20.13 -1.78 9.51
C GLY A 155 20.58 -0.84 8.41
N LEU A 156 19.73 -0.59 7.43
CA LEU A 156 20.01 0.40 6.37
C LEU A 156 19.79 1.85 6.88
N ALA A 157 20.53 2.77 6.28
CA ALA A 157 20.44 4.20 6.62
C ALA A 157 19.37 4.74 5.63
N ALA A 158 18.12 4.47 6.00
CA ALA A 158 16.94 4.68 5.17
C ALA A 158 16.04 5.76 5.73
N TYR A 159 15.54 6.59 4.82
CA TYR A 159 14.63 7.69 5.13
C TYR A 159 13.45 7.63 4.16
N GLY A 160 12.25 7.57 4.74
CA GLY A 160 11.01 7.68 4.01
C GLY A 160 10.65 9.14 3.88
N TYR A 161 10.28 9.57 2.69
CA TYR A 161 9.86 10.95 2.45
C TYR A 161 8.51 10.93 1.78
N GLY A 162 7.60 11.75 2.28
CA GLY A 162 6.24 11.91 1.77
C GLY A 162 5.53 13.16 2.26
N ILE A 163 4.21 13.21 2.06
CA ILE A 163 3.33 14.31 2.46
C ILE A 163 2.64 13.91 3.77
N ARG A 164 2.57 14.85 4.72
CA ARG A 164 1.76 14.72 5.93
C ARG A 164 0.33 15.20 5.58
N TYR A 165 -0.50 14.26 5.11
CA TYR A 165 -1.90 14.54 4.71
C TYR A 165 -2.69 14.72 5.96
N GLU A 166 -3.24 15.93 6.16
CA GLU A 166 -3.97 16.28 7.38
C GLU A 166 -5.29 15.48 7.56
N PHE A 167 -5.95 15.12 6.44
CA PHE A 167 -7.28 14.45 6.44
C PHE A 167 -7.31 13.15 5.63
N GLY A 168 -6.17 12.48 5.53
CA GLY A 168 -6.12 11.15 4.95
C GLY A 168 -6.76 11.11 3.59
N ILE A 169 -7.53 10.05 3.36
CA ILE A 169 -8.30 9.96 2.11
C ILE A 169 -9.78 10.20 2.46
N PHE A 170 -10.36 9.27 3.24
CA PHE A 170 -11.74 9.32 3.78
C PHE A 170 -12.02 8.04 4.52
N ASN A 171 -12.84 8.12 5.56
CA ASN A 171 -13.34 6.96 6.30
C ASN A 171 -14.63 6.54 5.60
N GLN A 172 -14.70 5.29 5.18
CA GLN A 172 -15.92 4.76 4.57
C GLN A 172 -16.95 4.45 5.63
N LYS A 173 -18.18 4.92 5.40
CA LYS A 173 -19.35 4.61 6.20
C LYS A 173 -20.36 4.00 5.25
N ILE A 174 -21.14 3.05 5.75
CA ILE A 174 -22.23 2.47 4.98
C ILE A 174 -23.51 2.96 5.58
N VAL A 175 -24.24 3.76 4.80
CA VAL A 175 -25.53 4.34 5.20
C VAL A 175 -26.58 3.83 4.20
N ASN A 176 -27.58 3.10 4.70
CA ASN A 176 -28.67 2.55 3.85
C ASN A 176 -28.12 1.67 2.70
N GLY A 177 -27.08 0.90 3.06
CA GLY A 177 -26.37 -0.01 2.16
C GLY A 177 -25.44 0.61 1.14
N TRP A 178 -25.36 1.94 1.10
CA TRP A 178 -24.44 2.61 0.17
C TRP A 178 -23.23 3.18 0.93
N GLN A 179 -22.11 3.28 0.21
CA GLN A 179 -20.91 4.00 0.69
C GLN A 179 -21.14 5.52 0.83
N VAL A 180 -20.78 6.07 1.99
CA VAL A 180 -20.68 7.52 2.23
C VAL A 180 -19.24 7.83 2.64
N GLU A 181 -18.66 8.87 2.05
CA GLU A 181 -17.31 9.32 2.44
C GLU A 181 -17.39 10.36 3.61
N GLU A 182 -16.83 10.00 4.74
CA GLU A 182 -16.68 10.85 5.91
C GLU A 182 -15.19 11.32 5.98
N ALA A 183 -14.96 12.58 6.34
CA ALA A 183 -13.59 13.11 6.52
C ALA A 183 -12.80 12.40 7.65
N ASP A 184 -11.58 11.98 7.31
CA ASP A 184 -10.65 11.32 8.24
C ASP A 184 -9.87 12.35 9.10
N ASP A 185 -10.50 12.86 10.16
CA ASP A 185 -9.88 13.87 11.04
C ASP A 185 -8.90 13.12 12.03
N TRP A 186 -7.87 12.51 11.49
CA TRP A 186 -6.95 11.65 12.30
C TRP A 186 -5.95 12.45 13.15
N LEU A 187 -5.73 13.73 12.82
CA LEU A 187 -4.81 14.62 13.55
C LEU A 187 -5.56 15.56 14.48
N ARG A 188 -6.91 15.47 14.50
CA ARG A 188 -7.78 16.23 15.41
C ARG A 188 -7.18 16.38 16.80
N TYR A 189 -6.86 15.25 17.44
CA TYR A 189 -6.35 15.26 18.81
C TYR A 189 -4.83 15.22 18.88
N GLY A 190 -4.16 15.29 17.73
CA GLY A 190 -2.70 15.23 17.65
C GLY A 190 -2.20 13.80 17.41
N ASN A 191 -0.94 13.68 16.97
CA ASN A 191 -0.23 12.41 16.71
C ASN A 191 0.91 12.39 17.72
N PRO A 192 0.94 11.40 18.65
CA PRO A 192 1.99 11.43 19.69
C PRO A 192 3.39 11.00 19.21
N TRP A 193 3.41 10.28 18.08
CA TRP A 193 4.60 9.67 17.48
C TRP A 193 5.53 10.65 16.78
N GLU A 194 4.96 11.66 16.13
CA GLU A 194 5.69 12.59 15.29
C GLU A 194 6.29 13.75 16.10
N LYS A 195 7.39 14.31 15.58
CA LYS A 195 8.05 15.52 16.08
C LYS A 195 8.09 16.57 14.96
N ALA A 196 7.49 17.71 15.22
CA ALA A 196 7.55 18.87 14.33
C ALA A 196 8.98 19.45 14.28
N ARG A 197 9.48 19.75 13.09
CA ARG A 197 10.81 20.36 12.94
C ARG A 197 10.64 21.68 12.21
N PRO A 198 9.92 22.66 12.79
CA PRO A 198 9.75 23.92 12.05
C PRO A 198 11.07 24.62 11.65
N GLU A 199 12.15 24.31 12.35
CA GLU A 199 13.47 24.87 12.09
C GLU A 199 14.13 24.31 10.83
N TYR A 200 13.69 23.13 10.37
CA TYR A 200 14.22 22.50 9.14
C TYR A 200 13.30 22.69 7.93
N MET A 201 12.47 23.73 7.96
CA MET A 201 11.55 24.08 6.87
C MET A 201 12.30 24.56 5.64
N LEU A 202 11.74 24.24 4.47
CA LEU A 202 12.35 24.59 3.17
C LEU A 202 11.33 25.27 2.24
N PRO A 203 11.77 26.20 1.37
CA PRO A 203 10.80 26.78 0.44
C PRO A 203 10.57 25.93 -0.80
N VAL A 204 9.31 25.90 -1.26
CA VAL A 204 8.96 25.30 -2.53
C VAL A 204 8.45 26.43 -3.44
N HIS A 205 9.00 26.51 -4.64
CA HIS A 205 8.67 27.52 -5.65
C HIS A 205 7.71 27.02 -6.73
N PHE A 206 6.79 27.89 -7.11
CA PHE A 206 5.78 27.60 -8.13
C PHE A 206 5.61 28.82 -9.03
N TYR A 207 5.18 28.56 -10.25
CA TYR A 207 4.87 29.60 -11.21
C TYR A 207 6.15 30.31 -11.62
N GLY A 208 6.11 31.63 -11.63
CA GLY A 208 7.22 32.46 -12.01
C GLY A 208 7.57 32.35 -13.48
N ARG A 209 8.77 32.82 -13.81
CA ARG A 209 9.31 32.86 -15.16
C ARG A 209 10.81 32.56 -15.09
N VAL A 210 11.40 32.26 -16.23
CA VAL A 210 12.79 31.86 -16.27
C VAL A 210 13.59 32.84 -17.16
N GLU A 211 14.78 33.22 -16.67
CA GLU A 211 15.70 34.17 -17.33
C GLU A 211 17.10 33.56 -17.44
N HIS A 212 17.64 33.49 -18.67
CA HIS A 212 19.02 33.05 -18.93
C HIS A 212 19.95 34.27 -18.81
N THR A 213 20.77 34.31 -17.77
CA THR A 213 21.71 35.39 -17.51
C THR A 213 23.15 34.84 -17.66
N PRO A 214 24.19 35.73 -17.73
CA PRO A 214 25.57 35.25 -17.78
C PRO A 214 26.01 34.42 -16.55
N ASP A 215 25.46 34.71 -15.36
CA ASP A 215 25.70 33.94 -14.12
C ASP A 215 24.85 32.64 -13.97
N GLY A 216 24.24 32.16 -15.07
CA GLY A 216 23.40 30.95 -15.06
C GLY A 216 21.90 31.24 -15.06
N VAL A 217 21.14 30.17 -15.26
CA VAL A 217 19.67 30.26 -15.40
C VAL A 217 19.02 30.61 -14.04
N LYS A 218 18.06 31.55 -14.06
CA LYS A 218 17.40 32.05 -12.88
C LYS A 218 15.88 31.90 -13.04
N TRP A 219 15.24 31.40 -11.98
CA TRP A 219 13.81 31.16 -11.91
C TRP A 219 13.22 32.23 -11.01
N LEU A 220 12.59 33.22 -11.63
CA LEU A 220 12.16 34.45 -10.93
C LEU A 220 10.66 34.60 -10.85
N ASP A 221 10.22 35.49 -9.94
CA ASP A 221 8.79 35.87 -9.71
C ASP A 221 7.92 34.69 -9.32
N THR A 222 8.48 33.78 -8.54
CA THR A 222 7.81 32.57 -8.11
C THR A 222 6.95 32.80 -6.87
N GLN A 223 5.86 32.02 -6.74
CA GLN A 223 5.06 31.94 -5.50
C GLN A 223 5.79 30.92 -4.68
N VAL A 224 5.82 31.10 -3.38
CA VAL A 224 6.55 30.23 -2.48
C VAL A 224 5.59 29.56 -1.48
N VAL A 225 5.64 28.23 -1.40
CA VAL A 225 4.96 27.46 -0.35
C VAL A 225 6.04 26.86 0.55
N LEU A 226 5.81 26.90 1.85
CA LEU A 226 6.78 26.40 2.80
C LEU A 226 6.50 24.94 3.10
N ALA A 227 7.56 24.12 3.18
CA ALA A 227 7.44 22.71 3.51
C ALA A 227 7.95 22.55 4.92
N MET A 228 7.04 22.23 5.85
CA MET A 228 7.35 22.05 7.25
C MET A 228 7.50 20.56 7.54
N PRO A 229 8.67 20.11 8.02
CA PRO A 229 8.86 18.70 8.28
C PRO A 229 8.41 18.23 9.65
N TYR A 230 7.83 17.04 9.65
CA TYR A 230 7.44 16.29 10.82
C TYR A 230 8.13 14.90 10.74
N ASP A 231 8.87 14.51 11.78
CA ASP A 231 9.63 13.25 11.75
C ASP A 231 8.98 12.21 12.59
N THR A 232 8.92 10.99 12.06
CA THR A 232 8.32 9.88 12.78
C THR A 232 9.37 8.73 12.89
N PRO A 233 9.53 8.14 14.08
CA PRO A 233 10.45 7.01 14.22
C PRO A 233 10.00 5.72 13.56
N VAL A 234 10.95 5.01 12.96
CA VAL A 234 10.71 3.73 12.26
C VAL A 234 11.67 2.71 12.90
N PRO A 235 11.19 1.98 13.93
CA PRO A 235 12.10 1.09 14.69
C PRO A 235 12.42 -0.24 14.00
N GLY A 236 13.67 -0.68 14.15
CA GLY A 236 14.11 -1.97 13.64
C GLY A 236 13.77 -3.07 14.62
N TYR A 237 13.48 -4.25 14.12
CA TYR A 237 13.11 -5.36 14.99
C TYR A 237 14.33 -6.02 15.58
N LYS A 238 14.39 -5.96 16.93
CA LYS A 238 15.47 -6.58 17.75
C LYS A 238 16.88 -6.30 17.19
N ASN A 239 17.08 -4.99 17.00
CA ASN A 239 18.34 -4.33 16.68
C ASN A 239 18.23 -2.94 17.27
N ASN A 240 19.25 -2.11 17.20
CA ASN A 240 19.13 -0.79 17.87
C ASN A 240 18.79 0.36 16.91
N THR A 241 18.52 0.04 15.65
CA THR A 241 18.22 1.02 14.61
C THR A 241 16.75 1.59 14.74
N VAL A 242 16.66 2.91 14.73
CA VAL A 242 15.39 3.62 14.65
C VAL A 242 15.63 4.68 13.57
N ASN A 243 15.04 4.43 12.42
CA ASN A 243 15.09 5.33 11.28
C ASN A 243 14.00 6.37 11.32
N THR A 244 13.97 7.22 10.29
CA THR A 244 13.10 8.37 10.19
C THR A 244 12.18 8.30 8.97
N MET A 245 10.90 8.58 9.19
CA MET A 245 9.94 8.94 8.13
C MET A 245 9.74 10.46 8.24
N ARG A 246 10.06 11.18 7.18
CA ARG A 246 9.95 12.63 7.17
C ARG A 246 8.83 13.06 6.23
N LEU A 247 7.77 13.58 6.83
CA LEU A 247 6.55 13.96 6.15
C LEU A 247 6.35 15.47 6.19
N TRP A 248 6.10 16.05 5.01
CA TRP A 248 5.99 17.51 4.86
C TRP A 248 4.52 18.06 4.86
N SER A 249 4.29 19.07 5.68
CA SER A 249 3.04 19.84 5.73
C SER A 249 3.21 21.18 4.96
N ALA A 250 2.26 21.47 4.09
CA ALA A 250 2.24 22.71 3.34
C ALA A 250 1.71 23.86 4.21
N LYS A 251 2.47 24.94 4.22
CA LYS A 251 2.14 26.17 4.94
C LYS A 251 2.47 27.36 4.06
N ALA A 252 1.62 28.37 4.07
CA ALA A 252 1.89 29.62 3.32
C ALA A 252 2.82 30.55 4.13
N PRO A 253 3.77 31.23 3.44
CA PRO A 253 4.61 32.24 4.17
C PRO A 253 3.74 33.43 4.55
N ASN A 254 3.93 34.00 5.74
CA ASN A 254 3.08 35.16 6.17
C ASN A 254 3.66 36.54 5.74
N ASP A 255 2.87 37.61 5.92
CA ASP A 255 3.31 39.00 5.73
C ASP A 255 3.05 39.81 7.02
N ASP A 260 -0.11 47.71 2.43
CA ASP A 260 0.47 47.07 1.25
C ASP A 260 -0.61 46.65 0.23
N PHE A 261 -1.65 45.95 0.70
CA PHE A 261 -2.66 45.29 -0.16
C PHE A 261 -3.91 46.18 -0.42
N ASN A 262 -4.49 46.06 -1.63
CA ASN A 262 -5.84 46.58 -1.94
C ASN A 262 -6.88 45.47 -1.68
N VAL A 263 -8.17 45.72 -1.92
CA VAL A 263 -9.23 44.70 -1.64
C VAL A 263 -8.97 43.38 -2.39
N GLY A 264 -8.64 43.46 -3.66
CA GLY A 264 -8.30 42.29 -4.49
C GLY A 264 -7.04 41.54 -4.11
N ASP A 265 -5.98 42.26 -3.78
CA ASP A 265 -4.69 41.68 -3.33
C ASP A 265 -4.84 40.85 -2.04
N TYR A 266 -5.72 41.31 -1.13
CA TYR A 266 -6.08 40.65 0.13
C TYR A 266 -6.77 39.30 -0.10
N ILE A 267 -7.73 39.27 -1.03
CA ILE A 267 -8.47 38.03 -1.37
C ILE A 267 -7.54 37.05 -2.12
N GLU A 268 -6.65 37.57 -2.96
CA GLU A 268 -5.66 36.77 -3.67
C GLU A 268 -4.76 36.05 -2.65
N ALA A 269 -4.35 36.77 -1.62
CA ALA A 269 -3.48 36.23 -0.56
C ALA A 269 -4.17 35.13 0.26
N VAL A 270 -5.42 35.35 0.68
CA VAL A 270 -6.23 34.38 1.44
C VAL A 270 -6.43 33.09 0.61
N LEU A 271 -6.72 33.22 -0.68
CA LEU A 271 -6.87 32.07 -1.55
C LEU A 271 -5.59 31.28 -1.77
N ASP A 272 -4.49 31.97 -2.03
CA ASP A 272 -3.16 31.37 -2.20
C ASP A 272 -2.74 30.64 -0.91
N ARG A 273 -3.07 31.22 0.24
CA ARG A 273 -2.87 30.57 1.56
C ARG A 273 -3.61 29.21 1.68
N ASN A 274 -4.85 29.19 1.21
CA ASN A 274 -5.74 28.03 1.24
C ASN A 274 -5.29 26.98 0.23
N LEU A 275 -4.93 27.42 -0.97
CA LEU A 275 -4.43 26.54 -2.03
C LEU A 275 -3.06 25.97 -1.70
N ALA A 276 -2.28 26.69 -0.91
CA ALA A 276 -1.01 26.21 -0.40
C ALA A 276 -1.30 25.07 0.58
N GLU A 277 -2.11 25.34 1.58
CA GLU A 277 -2.42 24.38 2.62
C GLU A 277 -3.22 23.17 2.15
N ASN A 278 -3.95 23.27 1.03
CA ASN A 278 -4.65 22.09 0.55
C ASN A 278 -3.77 21.12 -0.30
N ILE A 279 -2.47 21.42 -0.40
CA ILE A 279 -1.45 20.55 -1.01
C ILE A 279 -1.25 19.34 -0.11
N SER A 280 -1.34 19.55 1.19
CA SER A 280 -1.18 18.50 2.17
C SER A 280 -2.51 18.22 2.90
N ARG A 281 -3.62 18.43 2.23
CA ARG A 281 -4.95 18.24 2.85
C ARG A 281 -5.35 16.78 2.75
N VAL A 282 -5.60 16.32 1.52
CA VAL A 282 -6.07 14.95 1.30
C VAL A 282 -5.22 14.25 0.26
N LEU A 283 -5.18 12.93 0.37
CA LEU A 283 -4.51 12.08 -0.61
C LEU A 283 -5.37 12.03 -1.87
N TYR A 284 -4.73 11.93 -3.04
CA TYR A 284 -5.42 11.80 -4.32
C TYR A 284 -6.70 12.68 -4.42
N PRO A 285 -6.55 14.04 -4.31
CA PRO A 285 -7.73 14.89 -4.41
C PRO A 285 -8.41 14.84 -5.80
N ASN A 286 -9.70 15.16 -5.84
CA ASN A 286 -10.45 15.27 -7.09
C ASN A 286 -10.66 16.76 -7.53
N ASP A 287 -11.32 17.55 -6.66
CA ASP A 287 -11.69 18.99 -6.82
C ASP A 287 -12.52 19.31 -8.06
N PHE A 290 -12.05 21.21 -13.44
CA PHE A 290 -11.43 19.97 -12.97
C PHE A 290 -9.89 20.12 -12.95
N GLU A 291 -9.38 21.33 -12.63
CA GLU A 291 -7.94 21.55 -12.38
C GLU A 291 -7.55 21.23 -10.91
N GLY A 292 -8.16 20.17 -10.36
CA GLY A 292 -7.68 19.47 -9.16
C GLY A 292 -6.57 18.49 -9.58
N LYS A 293 -6.37 18.38 -10.91
CA LYS A 293 -5.23 17.71 -11.53
C LYS A 293 -3.97 18.57 -11.32
N GLU A 294 -4.13 19.90 -11.42
CA GLU A 294 -3.07 20.85 -11.11
C GLU A 294 -2.65 20.75 -9.65
N LEU A 295 -3.59 20.41 -8.79
CA LEU A 295 -3.30 20.21 -7.37
C LEU A 295 -2.45 18.95 -7.17
N ARG A 296 -2.71 17.90 -7.98
CA ARG A 296 -1.90 16.65 -7.92
C ARG A 296 -0.45 16.92 -8.33
N LEU A 297 -0.28 17.70 -9.41
CA LEU A 297 1.03 18.11 -9.91
C LEU A 297 1.77 18.94 -8.85
N LYS A 298 1.03 19.80 -8.15
CA LYS A 298 1.61 20.64 -7.11
C LYS A 298 2.10 19.76 -5.97
N GLN A 299 1.31 18.76 -5.59
CA GLN A 299 1.62 17.81 -4.53
C GLN A 299 2.91 17.02 -4.87
N GLU A 300 3.00 16.62 -6.13
CA GLU A 300 4.13 15.87 -6.64
C GLU A 300 5.39 16.68 -6.56
N TYR A 301 5.33 17.95 -6.99
CA TYR A 301 6.48 18.82 -6.93
C TYR A 301 6.84 19.21 -5.48
N PHE A 302 5.83 19.45 -4.67
CA PHE A 302 6.01 19.80 -3.26
C PHE A 302 6.85 18.77 -2.50
N VAL A 303 6.60 17.47 -2.71
CA VAL A 303 7.42 16.40 -2.07
C VAL A 303 8.80 16.30 -2.69
N VAL A 304 8.86 16.45 -4.01
CA VAL A 304 10.13 16.37 -4.75
C VAL A 304 11.11 17.50 -4.32
N ALA A 305 10.70 18.75 -4.39
CA ALA A 305 11.51 19.92 -4.08
C ALA A 305 11.88 19.96 -2.60
N ALA A 306 10.91 19.69 -1.71
CA ALA A 306 11.15 19.66 -0.28
C ALA A 306 12.30 18.62 -0.02
N THR A 307 12.11 17.40 -0.51
CA THR A 307 12.96 16.26 -0.27
C THR A 307 14.37 16.40 -0.82
N LEU A 308 14.49 16.83 -2.07
CA LEU A 308 15.75 16.97 -2.74
C LEU A 308 16.61 18.06 -2.10
N GLN A 309 15.99 19.15 -1.64
CA GLN A 309 16.70 20.20 -0.93
C GLN A 309 17.24 19.64 0.39
N ASP A 310 16.42 18.81 1.07
CA ASP A 310 16.82 18.14 2.33
C ASP A 310 17.98 17.11 2.20
N ILE A 311 17.95 16.31 1.13
CA ILE A 311 18.95 15.30 0.75
C ILE A 311 20.32 15.99 0.49
N ILE A 312 20.29 17.06 -0.30
CA ILE A 312 21.47 17.86 -0.62
C ILE A 312 22.05 18.55 0.62
N ARG A 313 21.20 19.20 1.41
CA ARG A 313 21.60 19.86 2.64
C ARG A 313 22.29 18.86 3.58
N ARG A 314 21.74 17.64 3.70
CA ARG A 314 22.31 16.56 4.50
C ARG A 314 23.65 16.14 3.93
N PHE A 315 23.75 15.99 2.61
CA PHE A 315 24.99 15.61 1.91
C PHE A 315 26.15 16.61 2.18
N LYS A 316 25.93 17.90 1.98
CA LYS A 316 26.98 18.91 2.19
C LYS A 316 27.22 19.28 3.65
N SER A 317 26.29 18.94 4.54
CA SER A 317 26.47 19.18 5.97
C SER A 317 27.09 17.97 6.71
N SER A 318 27.59 16.99 5.96
CA SER A 318 28.31 15.84 6.53
C SER A 318 29.53 16.29 7.36
N LYS A 319 29.90 15.50 8.38
CA LYS A 319 31.08 15.74 9.20
C LYS A 319 32.25 15.66 8.20
N PHE A 320 32.95 16.80 8.02
CA PHE A 320 34.06 17.00 7.02
C PHE A 320 33.60 16.92 5.56
N GLY A 321 33.21 18.08 5.02
CA GLY A 321 32.75 18.24 3.62
C GLY A 321 33.19 19.61 3.09
N THR A 328 32.54 19.47 -8.18
CA THR A 328 33.77 18.91 -7.63
C THR A 328 33.44 18.04 -6.41
N CYS A 329 32.74 18.61 -5.42
CA CYS A 329 32.34 17.88 -4.21
C CYS A 329 31.16 16.93 -4.46
N PHE A 330 30.38 17.18 -5.54
CA PHE A 330 29.23 16.34 -5.89
C PHE A 330 29.53 15.01 -6.58
N GLU A 331 30.79 14.75 -6.90
CA GLU A 331 31.24 13.49 -7.55
C GLU A 331 31.02 12.25 -6.69
N THR A 332 31.02 12.42 -5.37
CA THR A 332 30.74 11.33 -4.44
C THR A 332 29.24 11.14 -4.16
N PHE A 333 28.40 12.08 -4.62
CA PHE A 333 26.92 12.08 -4.43
C PHE A 333 26.27 10.72 -4.77
N PRO A 334 26.53 10.13 -5.96
CA PRO A 334 25.93 8.80 -6.24
C PRO A 334 26.39 7.64 -5.34
N ASP A 335 27.46 7.86 -4.58
CA ASP A 335 28.01 6.88 -3.61
C ASP A 335 27.50 7.12 -2.21
N LYS A 336 26.89 8.28 -1.96
CA LYS A 336 26.38 8.60 -0.63
C LYS A 336 24.82 8.72 -0.60
N VAL A 337 24.19 8.66 -1.78
CA VAL A 337 22.77 8.92 -1.99
C VAL A 337 22.13 7.98 -3.02
N ALA A 338 21.07 7.29 -2.60
CA ALA A 338 20.17 6.58 -3.54
C ALA A 338 18.75 7.16 -3.37
N ILE A 339 18.12 7.53 -4.48
CA ILE A 339 16.73 8.02 -4.45
C ILE A 339 15.85 6.99 -5.15
N GLN A 340 14.96 6.33 -4.40
CA GLN A 340 14.01 5.33 -4.99
C GLN A 340 12.62 5.97 -5.26
N LEU A 341 12.23 5.94 -6.53
CA LEU A 341 10.98 6.50 -7.03
C LEU A 341 9.90 5.40 -7.06
N ASN A 342 9.01 5.45 -6.05
CA ASN A 342 7.93 4.53 -5.92
C ASN A 342 6.81 5.07 -6.85
N ASP A 343 6.76 4.55 -8.08
CA ASP A 343 5.90 5.03 -9.19
C ASP A 343 6.40 6.33 -9.78
N THR A 344 5.66 6.88 -10.75
CA THR A 344 6.03 8.13 -11.43
C THR A 344 5.63 9.38 -10.64
N HIS A 345 4.96 9.21 -9.51
CA HIS A 345 4.52 10.37 -8.70
C HIS A 345 5.73 11.24 -8.34
N PRO A 346 6.86 10.66 -7.82
CA PRO A 346 8.03 11.53 -7.58
C PRO A 346 8.99 11.70 -8.76
N ALA A 347 8.50 11.60 -9.99
CA ALA A 347 9.29 11.61 -11.24
C ALA A 347 10.04 12.90 -11.41
N LEU A 348 9.48 14.00 -10.91
CA LEU A 348 10.11 15.31 -11.01
C LEU A 348 11.47 15.37 -10.30
N SER A 349 11.81 14.36 -9.49
CA SER A 349 13.13 14.20 -8.87
C SER A 349 14.31 14.31 -9.88
N ILE A 350 14.12 13.78 -11.10
CA ILE A 350 15.11 13.82 -12.15
C ILE A 350 15.42 15.26 -12.61
N PRO A 351 14.44 16.01 -13.17
CA PRO A 351 14.79 17.40 -13.56
C PRO A 351 15.04 18.36 -12.38
N GLU A 352 14.54 18.07 -11.17
CA GLU A 352 14.74 18.93 -10.00
C GLU A 352 16.18 18.71 -9.46
N LEU A 353 16.68 17.46 -9.46
CA LEU A 353 18.06 17.18 -9.05
C LEU A 353 19.00 17.87 -10.06
N MET A 354 18.65 17.77 -11.33
CA MET A 354 19.36 18.45 -12.40
C MET A 354 19.36 19.99 -12.18
N ARG A 355 18.22 20.52 -11.73
CA ARG A 355 18.07 21.94 -11.49
C ARG A 355 18.93 22.47 -10.35
N ILE A 356 18.89 21.77 -9.21
CA ILE A 356 19.66 22.16 -8.03
C ILE A 356 21.15 22.05 -8.33
N LEU A 357 21.57 20.89 -8.88
CA LEU A 357 22.98 20.69 -9.24
C LEU A 357 23.53 21.74 -10.22
N VAL A 358 22.81 22.02 -11.30
CA VAL A 358 23.29 22.94 -12.36
C VAL A 358 23.05 24.43 -12.01
N ASP A 359 21.82 24.83 -11.64
CA ASP A 359 21.48 26.24 -11.38
C ASP A 359 21.93 26.77 -9.99
N VAL A 360 21.97 25.92 -8.95
CA VAL A 360 22.35 26.35 -7.60
C VAL A 360 23.80 25.94 -7.33
N GLU A 361 24.12 24.66 -7.50
CA GLU A 361 25.44 24.12 -7.13
C GLU A 361 26.53 24.31 -8.20
N LYS A 362 26.16 24.88 -9.36
CA LYS A 362 27.10 25.25 -10.44
C LYS A 362 27.91 24.09 -11.02
N VAL A 363 27.34 22.89 -10.94
CA VAL A 363 27.90 21.67 -11.49
C VAL A 363 27.65 21.70 -13.00
N ASP A 364 28.55 21.09 -13.76
CA ASP A 364 28.47 21.07 -15.23
C ASP A 364 27.30 20.13 -15.63
N TRP A 365 26.53 20.52 -16.64
CA TRP A 365 25.36 19.78 -17.10
C TRP A 365 25.56 18.25 -17.21
N ASP A 366 26.58 17.85 -18.00
CA ASP A 366 26.92 16.44 -18.26
C ASP A 366 27.26 15.68 -16.99
N LYS A 367 28.04 16.30 -16.14
CA LYS A 367 28.43 15.71 -14.85
C LYS A 367 27.20 15.51 -13.96
N ALA A 368 26.38 16.55 -13.87
CA ALA A 368 25.11 16.53 -13.11
C ALA A 368 24.18 15.41 -13.59
N TRP A 369 24.12 15.23 -14.93
CA TRP A 369 23.31 14.15 -15.55
C TRP A 369 23.80 12.74 -15.22
N GLU A 370 25.11 12.51 -15.31
CA GLU A 370 25.69 11.21 -14.95
C GLU A 370 25.49 10.93 -13.44
N ILE A 371 25.50 11.99 -12.61
CA ILE A 371 25.21 11.94 -11.18
C ILE A 371 23.74 11.58 -10.98
N THR A 372 22.83 12.21 -11.78
CA THR A 372 21.36 12.03 -11.70
C THR A 372 20.99 10.59 -11.94
N LYS A 373 21.39 10.06 -13.10
CA LYS A 373 21.13 8.66 -13.51
C LYS A 373 21.59 7.62 -12.50
N LYS A 374 22.72 7.89 -11.84
CA LYS A 374 23.30 6.98 -10.85
C LYS A 374 22.67 7.08 -9.48
N THR A 375 22.04 8.23 -9.15
CA THR A 375 21.38 8.37 -7.86
C THR A 375 19.94 7.83 -7.89
N CYS A 376 19.25 8.02 -9.02
CA CYS A 376 17.86 7.64 -9.16
C CYS A 376 17.65 6.23 -9.70
N ALA A 377 16.62 5.59 -9.16
CA ALA A 377 16.08 4.29 -9.57
C ALA A 377 14.54 4.39 -9.55
N TYR A 378 13.89 3.70 -10.47
CA TYR A 378 12.43 3.74 -10.65
C TYR A 378 11.73 2.40 -10.54
N THR A 379 10.68 2.32 -9.71
CA THR A 379 9.86 1.13 -9.53
C THR A 379 8.51 1.37 -10.19
N ASN A 380 8.14 0.52 -11.12
CA ASN A 380 6.84 0.53 -11.79
C ASN A 380 5.93 -0.53 -11.18
N HIS A 381 4.66 -0.17 -10.96
CA HIS A 381 3.63 -1.05 -10.39
C HIS A 381 2.48 -1.41 -11.34
N THR A 382 2.46 -0.86 -12.57
CA THR A 382 1.37 -1.07 -13.54
C THR A 382 1.73 -1.92 -14.80
N VAL A 383 0.68 -2.41 -15.45
CA VAL A 383 0.73 -3.25 -16.65
C VAL A 383 0.01 -2.40 -17.69
N LEU A 384 0.36 -2.58 -18.96
CA LEU A 384 -0.12 -1.81 -20.14
C LEU A 384 0.29 -0.30 -20.09
N PRO A 385 0.77 0.25 -21.24
CA PRO A 385 1.32 1.63 -21.21
C PRO A 385 0.34 2.82 -21.01
N GLU A 386 -0.96 2.62 -21.14
CA GLU A 386 -1.93 3.73 -20.99
C GLU A 386 -2.23 4.13 -19.53
N ALA A 387 -1.90 3.29 -18.54
CA ALA A 387 -2.07 3.62 -17.09
C ALA A 387 -1.01 4.62 -16.57
N LEU A 388 0.14 4.69 -17.29
CA LEU A 388 1.31 5.56 -16.99
C LEU A 388 0.98 7.06 -16.98
N GLU A 389 1.56 7.78 -15.99
CA GLU A 389 1.23 9.18 -15.70
C GLU A 389 1.74 10.16 -16.77
N ARG A 390 0.83 11.03 -17.27
CA ARG A 390 1.12 12.09 -18.24
C ARG A 390 0.60 13.43 -17.76
N TRP A 391 1.32 14.51 -18.10
CA TRP A 391 0.89 15.87 -17.77
C TRP A 391 0.91 16.70 -19.04
N PRO A 392 -0.07 17.60 -19.24
CA PRO A 392 -0.02 18.47 -20.45
C PRO A 392 1.18 19.41 -20.33
N VAL A 393 1.89 19.71 -21.43
CA VAL A 393 3.02 20.63 -21.35
C VAL A 393 2.60 22.07 -20.98
N SER A 394 1.36 22.46 -21.32
CA SER A 394 0.85 23.79 -21.03
C SER A 394 0.79 24.03 -19.52
N MET A 395 0.42 22.98 -18.77
CA MET A 395 0.37 22.99 -17.33
C MET A 395 1.78 23.20 -16.73
N PHE A 396 2.78 22.56 -17.34
CA PHE A 396 4.19 22.76 -16.98
C PHE A 396 4.71 24.14 -17.37
N GLU A 397 4.26 24.69 -18.50
CA GLU A 397 4.63 26.06 -18.96
C GLU A 397 4.31 27.10 -17.88
N LYS A 398 3.17 26.92 -17.22
CA LYS A 398 2.68 27.83 -16.20
C LYS A 398 3.23 27.54 -14.80
N LEU A 399 3.15 26.30 -14.36
CA LEU A 399 3.52 25.94 -12.98
C LEU A 399 5.05 25.76 -12.79
N LEU A 400 5.74 25.12 -13.76
CA LEU A 400 7.17 24.80 -13.65
C LEU A 400 7.92 25.11 -14.94
N PRO A 401 8.12 26.40 -15.28
CA PRO A 401 8.77 26.68 -16.57
C PRO A 401 10.25 26.23 -16.66
N ARG A 402 10.99 26.23 -15.55
CA ARG A 402 12.38 25.81 -15.55
C ARG A 402 12.53 24.28 -15.71
N HIS A 403 11.66 23.50 -15.06
CA HIS A 403 11.64 22.06 -15.19
C HIS A 403 11.25 21.64 -16.59
N LEU A 404 10.36 22.38 -17.23
CA LEU A 404 10.01 22.10 -18.62
C LEU A 404 11.24 22.23 -19.50
N GLU A 405 11.98 23.33 -19.35
CA GLU A 405 13.26 23.55 -20.09
C GLU A 405 14.24 22.38 -19.92
N ILE A 406 14.43 21.95 -18.67
CA ILE A 406 15.32 20.84 -18.33
C ILE A 406 14.82 19.53 -18.97
N ILE A 407 13.51 19.28 -18.90
CA ILE A 407 12.94 18.09 -19.49
C ILE A 407 13.21 18.06 -20.99
N TYR A 408 12.98 19.20 -21.66
CA TYR A 408 13.23 19.35 -23.10
C TYR A 408 14.70 19.09 -23.50
N ALA A 409 15.63 19.52 -22.66
CA ALA A 409 17.06 19.30 -22.85
C ALA A 409 17.47 17.83 -22.62
N ILE A 410 16.89 17.19 -21.59
CA ILE A 410 17.10 15.77 -21.27
C ILE A 410 16.60 14.94 -22.49
N ASN A 411 15.42 15.28 -23.01
CA ASN A 411 14.81 14.56 -24.12
C ASN A 411 15.61 14.67 -25.41
N GLN A 412 16.00 15.89 -25.80
CA GLN A 412 16.81 16.12 -27.00
C GLN A 412 18.12 15.31 -27.00
N ARG A 413 18.87 15.37 -25.89
CA ARG A 413 20.12 14.65 -25.74
C ARG A 413 19.86 13.13 -25.80
N HIS A 414 18.73 12.69 -25.25
CA HIS A 414 18.33 11.29 -25.30
C HIS A 414 17.98 10.82 -26.71
N LEU A 415 17.31 11.65 -27.49
CA LEU A 415 16.94 11.30 -28.85
C LEU A 415 18.11 11.39 -29.83
N ASP A 416 19.11 12.20 -29.51
CA ASP A 416 20.36 12.30 -30.33
C ASP A 416 21.11 10.99 -30.22
N HIS A 417 21.15 10.45 -29.00
CA HIS A 417 21.75 9.16 -28.71
C HIS A 417 21.00 8.05 -29.47
N VAL A 418 19.67 8.03 -29.38
CA VAL A 418 18.85 7.03 -30.10
C VAL A 418 19.10 7.17 -31.61
N ALA A 419 19.09 8.40 -32.13
CA ALA A 419 19.39 8.68 -33.55
C ALA A 419 20.79 8.20 -33.98
N ALA A 420 21.76 8.22 -33.06
CA ALA A 420 23.11 7.74 -33.35
C ALA A 420 23.15 6.21 -33.49
N LEU A 421 22.52 5.53 -32.54
CA LEU A 421 22.45 4.06 -32.50
C LEU A 421 21.52 3.45 -33.57
N PHE A 422 20.44 4.14 -33.94
CA PHE A 422 19.48 3.68 -34.95
C PHE A 422 19.20 4.80 -35.97
N PRO A 423 20.10 4.99 -36.95
CA PRO A 423 19.95 6.13 -37.87
C PRO A 423 18.75 6.01 -38.81
N GLY A 424 18.04 7.13 -39.01
CA GLY A 424 16.85 7.16 -39.85
C GLY A 424 15.56 6.53 -39.30
N ASP A 425 15.59 5.92 -38.10
CA ASP A 425 14.41 5.27 -37.51
C ASP A 425 13.53 6.37 -36.88
N VAL A 426 12.63 6.93 -37.70
CA VAL A 426 11.79 8.07 -37.33
C VAL A 426 10.70 7.67 -36.32
N ASP A 427 10.11 6.46 -36.47
CA ASP A 427 9.07 6.05 -35.52
C ASP A 427 9.64 5.66 -34.16
N ARG A 428 10.89 5.20 -34.13
CA ARG A 428 11.55 4.86 -32.88
C ARG A 428 11.73 6.12 -32.04
N LEU A 429 12.08 7.22 -32.70
CA LEU A 429 12.25 8.53 -32.04
C LEU A 429 10.95 9.00 -31.38
N ARG A 430 9.83 8.83 -32.07
CA ARG A 430 8.49 9.23 -31.54
C ARG A 430 8.01 8.37 -30.36
N ARG A 431 8.22 7.05 -30.46
CA ARG A 431 7.93 6.12 -29.38
C ARG A 431 8.78 6.35 -28.12
N MET A 432 10.06 6.69 -28.32
CA MET A 432 11.00 6.82 -27.20
C MET A 432 11.03 8.20 -26.55
N SER A 433 10.46 9.19 -27.21
CA SER A 433 10.38 10.58 -26.72
C SER A 433 9.58 10.75 -25.43
N VAL A 434 10.03 11.63 -24.55
CA VAL A 434 9.27 11.91 -23.31
C VAL A 434 8.07 12.82 -23.60
N ILE A 435 8.09 13.51 -24.73
CA ILE A 435 6.98 14.38 -25.07
C ILE A 435 6.18 13.71 -26.22
N GLU A 436 4.87 13.55 -25.98
CA GLU A 436 3.90 12.93 -26.89
C GLU A 436 3.02 13.98 -27.59
N GLU A 437 2.65 13.71 -28.84
CA GLU A 437 1.79 14.61 -29.61
C GLU A 437 0.33 14.07 -29.64
N GLY A 438 -0.64 14.95 -29.79
CA GLY A 438 -2.07 14.57 -29.75
C GLY A 438 -2.96 15.80 -29.75
N ASP A 439 -4.08 15.75 -28.99
CA ASP A 439 -4.96 16.95 -28.89
C ASP A 439 -4.28 18.13 -28.15
N CYS A 440 -3.18 17.80 -27.46
CA CYS A 440 -2.21 18.73 -26.84
C CYS A 440 -0.94 17.91 -26.57
N LYS A 441 0.20 18.59 -26.53
CA LYS A 441 1.48 17.97 -26.19
C LYS A 441 1.42 17.55 -24.71
N ARG A 442 1.96 16.37 -24.41
CA ARG A 442 1.96 15.83 -23.06
C ARG A 442 3.35 15.27 -22.71
N ILE A 443 3.67 15.27 -21.42
CA ILE A 443 4.94 14.77 -20.92
C ILE A 443 4.65 13.42 -20.28
N ASN A 444 5.24 12.38 -20.85
CA ASN A 444 5.19 11.04 -20.34
C ASN A 444 6.23 10.94 -19.20
N MET A 445 5.75 10.98 -17.96
CA MET A 445 6.60 10.94 -16.77
C MET A 445 7.32 9.60 -16.57
N ALA A 446 6.74 8.51 -17.08
CA ALA A 446 7.35 7.19 -17.01
C ALA A 446 8.62 7.14 -17.88
N HIS A 447 8.53 7.68 -19.11
CA HIS A 447 9.68 7.76 -20.01
C HIS A 447 10.83 8.58 -19.38
N LEU A 448 10.47 9.69 -18.73
CA LEU A 448 11.40 10.54 -17.98
C LEU A 448 12.11 9.75 -16.84
N CYS A 449 11.36 8.91 -16.13
CA CYS A 449 11.88 8.04 -15.08
C CYS A 449 12.84 7.00 -15.65
N VAL A 450 12.50 6.40 -16.81
CA VAL A 450 13.37 5.38 -17.41
C VAL A 450 14.73 6.00 -17.81
N ILE A 451 14.68 7.07 -18.58
CA ILE A 451 15.85 7.83 -19.04
C ILE A 451 16.76 8.40 -17.89
N GLY A 452 16.16 8.82 -16.79
CA GLY A 452 16.88 9.39 -15.68
C GLY A 452 17.23 8.46 -14.53
N SER A 453 17.00 7.16 -14.73
CA SER A 453 17.32 6.18 -13.69
C SER A 453 18.35 5.13 -14.20
N HIS A 454 19.21 4.65 -13.28
CA HIS A 454 20.16 3.57 -13.60
C HIS A 454 19.53 2.19 -13.53
N ALA A 455 18.42 2.07 -12.81
CA ALA A 455 17.68 0.81 -12.63
C ALA A 455 16.16 1.06 -12.71
N VAL A 456 15.47 0.06 -13.26
CA VAL A 456 14.02 0.09 -13.42
C VAL A 456 13.52 -1.30 -13.07
N ASN A 457 12.63 -1.39 -12.06
CA ASN A 457 12.09 -2.68 -11.67
C ASN A 457 10.56 -2.77 -11.65
N GLY A 458 10.08 -3.97 -11.98
CA GLY A 458 8.70 -4.41 -11.79
C GLY A 458 8.59 -5.08 -10.43
N VAL A 459 7.38 -5.45 -10.03
CA VAL A 459 7.10 -5.92 -8.69
C VAL A 459 6.79 -7.44 -8.56
N ALA A 460 6.77 -8.15 -9.69
CA ALA A 460 6.67 -9.62 -9.73
C ALA A 460 7.37 -10.04 -11.00
N ARG A 461 7.87 -11.28 -11.02
CA ARG A 461 8.65 -11.86 -12.13
C ARG A 461 8.03 -11.64 -13.50
N ILE A 462 6.75 -11.97 -13.69
CA ILE A 462 6.15 -11.84 -15.03
C ILE A 462 5.81 -10.38 -15.30
N HIS A 463 5.38 -9.62 -14.27
CA HIS A 463 5.09 -8.19 -14.44
C HIS A 463 6.36 -7.46 -14.92
N SER A 464 7.52 -7.77 -14.30
CA SER A 464 8.81 -7.22 -14.67
C SER A 464 9.21 -7.58 -16.10
N GLU A 465 8.80 -8.78 -16.57
CA GLU A 465 9.01 -9.17 -17.97
C GLU A 465 8.15 -8.30 -18.92
N ILE A 466 6.92 -7.98 -18.49
CA ILE A 466 6.02 -7.08 -19.25
C ILE A 466 6.57 -5.63 -19.27
N VAL A 467 7.07 -5.18 -18.12
CA VAL A 467 7.74 -3.86 -17.97
C VAL A 467 8.87 -3.72 -19.00
N LYS A 468 9.75 -4.74 -19.06
CA LYS A 468 10.84 -4.86 -20.05
C LYS A 468 10.42 -4.91 -21.51
N GLN A 469 9.67 -5.95 -21.81
CA GLN A 469 9.36 -6.32 -23.21
C GLN A 469 8.18 -5.58 -23.84
N SER A 470 7.26 -5.04 -23.05
CA SER A 470 6.08 -4.41 -23.63
C SER A 470 5.99 -2.90 -23.29
N VAL A 471 5.93 -2.57 -22.00
CA VAL A 471 5.76 -1.19 -21.53
C VAL A 471 6.90 -0.26 -22.01
N PHE A 472 8.15 -0.70 -21.82
CA PHE A 472 9.34 0.06 -22.21
C PHE A 472 10.24 -0.75 -23.16
N LYS A 473 9.61 -1.35 -24.18
CA LYS A 473 10.25 -2.28 -25.15
C LYS A 473 11.51 -1.71 -25.78
N ASP A 474 11.39 -0.46 -26.23
CA ASP A 474 12.44 0.24 -26.94
C ASP A 474 13.62 0.57 -26.04
N PHE A 475 13.32 0.89 -24.77
CA PHE A 475 14.33 1.21 -23.75
C PHE A 475 15.09 -0.05 -23.35
N TYR A 476 14.38 -1.18 -23.30
CA TYR A 476 14.98 -2.47 -23.00
C TYR A 476 16.00 -2.91 -24.10
N GLU A 477 15.65 -2.67 -25.37
CA GLU A 477 16.53 -2.94 -26.51
C GLU A 477 17.85 -2.18 -26.42
N LEU A 478 17.78 -0.92 -26.01
CA LEU A 478 18.94 -0.03 -25.80
C LEU A 478 19.77 -0.30 -24.55
N GLU A 479 19.14 -0.67 -23.43
CA GLU A 479 19.84 -0.94 -22.13
C GLU A 479 19.18 -2.06 -21.32
N PRO A 480 19.38 -3.33 -21.71
CA PRO A 480 18.70 -4.43 -20.96
C PRO A 480 19.03 -4.53 -19.46
N GLU A 481 20.28 -4.22 -19.12
CA GLU A 481 20.84 -4.30 -17.78
C GLU A 481 20.16 -3.37 -16.72
N LYS A 482 19.63 -2.22 -17.19
CA LYS A 482 18.80 -1.29 -16.43
C LYS A 482 17.56 -1.96 -15.80
N PHE A 483 16.95 -2.89 -16.53
CA PHE A 483 15.68 -3.53 -16.15
C PHE A 483 15.84 -4.74 -15.25
N GLN A 484 15.06 -4.78 -14.17
CA GLN A 484 15.21 -5.77 -13.11
C GLN A 484 13.83 -6.17 -12.61
N ASN A 485 13.82 -7.13 -11.67
CA ASN A 485 12.63 -7.56 -10.96
C ASN A 485 12.85 -7.48 -9.46
N LYS A 486 11.88 -6.99 -8.70
CA LYS A 486 11.95 -7.01 -7.24
C LYS A 486 10.57 -7.42 -6.74
N THR A 487 10.32 -8.72 -6.73
CA THR A 487 9.10 -9.32 -6.25
C THR A 487 8.76 -8.73 -4.87
N ASN A 488 7.54 -8.19 -4.75
CA ASN A 488 7.05 -7.57 -3.53
C ASN A 488 7.06 -8.52 -2.34
N GLY A 489 6.91 -7.93 -1.15
CA GLY A 489 6.88 -8.62 0.10
C GLY A 489 6.11 -7.86 1.15
N ILE A 490 5.86 -8.54 2.28
CA ILE A 490 5.16 -7.99 3.44
C ILE A 490 6.05 -8.16 4.69
N THR A 491 5.88 -7.28 5.68
CA THR A 491 6.69 -7.41 6.90
C THR A 491 6.17 -8.51 7.84
N PRO A 492 7.03 -9.44 8.22
CA PRO A 492 6.67 -10.50 9.13
C PRO A 492 6.34 -10.05 10.53
N ARG A 493 6.69 -8.81 10.90
CA ARG A 493 6.34 -8.34 12.25
C ARG A 493 4.87 -7.95 12.29
N ARG A 494 4.43 -7.03 11.42
CA ARG A 494 3.04 -6.60 11.45
C ARG A 494 2.10 -7.71 10.97
N TRP A 495 2.45 -8.34 9.87
CA TRP A 495 1.60 -9.32 9.25
C TRP A 495 1.75 -10.74 9.78
N LEU A 496 2.46 -10.89 10.92
CA LEU A 496 2.48 -12.14 11.68
C LEU A 496 2.55 -11.92 13.17
N LEU A 497 3.71 -11.45 13.67
CA LEU A 497 3.97 -11.26 15.11
C LEU A 497 2.93 -10.35 15.81
N LEU A 498 2.47 -9.30 15.11
CA LEU A 498 1.47 -8.34 15.66
C LEU A 498 0.03 -8.83 15.53
N CYS A 499 -0.39 -9.13 14.30
CA CYS A 499 -1.80 -9.53 14.02
C CYS A 499 -2.14 -10.96 14.42
N ASN A 500 -1.13 -11.82 14.55
CA ASN A 500 -1.35 -13.24 14.84
C ASN A 500 -0.32 -13.78 15.84
N PRO A 501 -0.31 -13.29 17.09
CA PRO A 501 0.68 -13.85 18.04
C PRO A 501 0.49 -15.36 18.32
N GLY A 502 -0.76 -15.83 18.29
CA GLY A 502 -1.07 -17.25 18.47
C GLY A 502 -0.33 -18.17 17.50
N LEU A 503 -0.36 -17.84 16.21
CA LEU A 503 0.32 -18.62 15.18
C LEU A 503 1.85 -18.49 15.30
N ALA A 504 2.30 -17.27 15.58
CA ALA A 504 3.70 -16.94 15.81
C ALA A 504 4.33 -17.80 16.92
N ASP A 505 3.61 -18.00 18.03
CA ASP A 505 4.07 -18.84 19.16
C ASP A 505 4.16 -20.35 18.83
N THR A 506 3.15 -20.84 18.12
CA THR A 506 3.07 -22.23 17.69
C THR A 506 4.23 -22.56 16.72
N ILE A 507 4.67 -21.56 15.95
CA ILE A 507 5.83 -21.72 15.05
C ILE A 507 7.12 -21.57 15.88
N VAL A 508 7.11 -20.65 16.85
CA VAL A 508 8.27 -20.39 17.74
C VAL A 508 8.63 -21.62 18.57
N GLU A 509 7.61 -22.36 19.04
CA GLU A 509 7.77 -23.58 19.85
C GLU A 509 8.51 -24.67 19.08
N LYS A 510 8.22 -24.78 17.78
CA LYS A 510 8.78 -25.80 16.91
C LYS A 510 10.11 -25.45 16.21
N ILE A 511 10.31 -24.21 15.79
CA ILE A 511 11.54 -23.85 15.04
C ILE A 511 12.32 -22.65 15.60
N GLY A 512 12.01 -22.24 16.83
CA GLY A 512 12.67 -21.08 17.45
C GLY A 512 12.29 -19.71 16.86
N GLU A 513 12.91 -18.64 17.37
CA GLU A 513 12.58 -17.25 16.99
C GLU A 513 13.23 -16.67 15.70
N GLU A 514 14.21 -17.37 15.13
CA GLU A 514 15.02 -16.85 14.00
C GLU A 514 14.27 -16.57 12.70
N PHE A 515 13.13 -17.25 12.48
CA PHE A 515 12.30 -17.06 11.27
C PHE A 515 11.73 -15.60 11.12
N LEU A 516 11.54 -14.91 12.25
CA LEU A 516 11.00 -13.54 12.32
C LEU A 516 11.87 -12.50 11.60
N THR A 517 13.16 -12.84 11.40
CA THR A 517 14.11 -12.00 10.64
C THR A 517 14.71 -12.71 9.41
N ASP A 518 14.34 -14.00 9.21
CA ASP A 518 14.80 -14.87 8.10
C ASP A 518 13.63 -15.86 7.82
N LEU A 519 12.54 -15.31 7.25
CA LEU A 519 11.27 -16.00 7.04
C LEU A 519 11.33 -17.31 6.19
N SER A 520 12.38 -17.46 5.36
CA SER A 520 12.63 -18.70 4.60
C SER A 520 12.85 -19.93 5.56
N GLN A 521 13.16 -19.66 6.83
CA GLN A 521 13.24 -20.69 7.87
C GLN A 521 11.92 -21.41 8.20
N LEU A 522 10.80 -20.88 7.71
CA LEU A 522 9.47 -21.53 7.80
C LEU A 522 9.42 -22.82 6.97
N LYS A 523 10.33 -23.02 6.01
CA LYS A 523 10.41 -24.32 5.28
C LYS A 523 10.65 -25.55 6.24
N LYS A 524 11.31 -25.33 7.39
CA LYS A 524 11.45 -26.36 8.45
C LYS A 524 10.10 -26.92 8.99
N LEU A 525 8.99 -26.22 8.69
CA LEU A 525 7.62 -26.63 9.04
C LEU A 525 7.06 -27.71 8.10
N LEU A 526 7.67 -27.87 6.93
CA LEU A 526 7.24 -28.88 5.94
C LEU A 526 7.08 -30.32 6.45
N PRO A 527 8.10 -30.90 7.17
CA PRO A 527 7.90 -32.24 7.72
C PRO A 527 6.75 -32.39 8.75
N LEU A 528 6.33 -31.27 9.35
CA LEU A 528 5.32 -31.26 10.40
C LEU A 528 3.88 -31.45 9.89
N VAL A 529 3.70 -31.66 8.57
CA VAL A 529 2.40 -32.01 7.97
C VAL A 529 1.89 -33.40 8.41
N SER A 530 2.80 -34.25 8.86
CA SER A 530 2.52 -35.57 9.42
C SER A 530 2.17 -35.46 10.92
N ASP A 531 2.81 -34.52 11.63
CA ASP A 531 2.61 -34.30 13.08
C ASP A 531 1.16 -33.93 13.39
N GLU A 532 0.48 -34.86 14.06
CA GLU A 532 -0.94 -34.76 14.47
C GLU A 532 -1.15 -33.67 15.50
N VAL A 533 -0.13 -33.43 16.32
CA VAL A 533 -0.15 -32.43 17.40
C VAL A 533 -0.07 -31.01 16.80
N PHE A 534 0.82 -30.81 15.83
CA PHE A 534 1.02 -29.53 15.15
C PHE A 534 -0.23 -29.11 14.38
N ILE A 535 -0.82 -30.07 13.66
CA ILE A 535 -2.05 -29.87 12.87
C ILE A 535 -3.20 -29.40 13.78
N ARG A 536 -3.41 -30.09 14.90
CA ARG A 536 -4.49 -29.69 15.81
C ARG A 536 -4.17 -28.34 16.53
N ASP A 537 -2.87 -27.96 16.59
CA ASP A 537 -2.42 -26.71 17.19
C ASP A 537 -2.66 -25.51 16.26
N VAL A 538 -2.34 -25.67 14.98
CA VAL A 538 -2.55 -24.65 13.93
C VAL A 538 -4.07 -24.38 13.75
N ALA A 539 -4.86 -25.45 13.79
CA ALA A 539 -6.32 -25.36 13.74
C ALA A 539 -6.91 -24.70 14.98
N LYS A 540 -6.29 -24.90 16.14
CA LYS A 540 -6.77 -24.31 17.39
C LYS A 540 -6.57 -22.78 17.33
N VAL A 541 -5.39 -22.35 16.86
CA VAL A 541 -5.03 -20.95 16.64
C VAL A 541 -6.03 -20.26 15.71
N LYS A 542 -6.27 -20.84 14.54
CA LYS A 542 -7.29 -20.32 13.60
C LYS A 542 -8.65 -20.10 14.26
N GLN A 543 -9.15 -21.12 14.98
CA GLN A 543 -10.46 -21.04 15.63
C GLN A 543 -10.48 -19.99 16.75
N GLU A 544 -9.34 -19.78 17.42
CA GLU A 544 -9.23 -18.73 18.45
C GLU A 544 -9.39 -17.33 17.82
N ASN A 545 -8.70 -17.17 16.69
CA ASN A 545 -8.73 -15.97 15.85
C ASN A 545 -10.15 -15.74 15.30
N LYS A 546 -10.79 -16.80 14.81
CA LYS A 546 -12.18 -16.76 14.28
C LYS A 546 -13.20 -16.31 15.33
N LEU A 547 -13.04 -16.84 16.55
CA LEU A 547 -13.86 -16.49 17.69
C LEU A 547 -13.69 -15.04 18.14
N LYS A 548 -12.45 -14.55 18.16
CA LYS A 548 -12.14 -13.14 18.50
C LYS A 548 -12.72 -12.18 17.44
N PHE A 549 -12.64 -12.55 16.16
CA PHE A 549 -13.23 -11.73 15.10
C PHE A 549 -14.76 -11.82 15.03
N SER A 550 -15.34 -12.95 15.47
CA SER A 550 -16.80 -13.11 15.56
C SER A 550 -17.35 -12.15 16.59
N ALA A 551 -16.61 -11.99 17.69
CA ALA A 551 -16.99 -11.09 18.78
C ALA A 551 -17.02 -9.64 18.31
N PHE A 552 -16.10 -9.25 17.43
CA PHE A 552 -16.07 -7.91 16.82
C PHE A 552 -17.25 -7.76 15.86
N LEU A 553 -17.46 -8.79 15.04
CA LEU A 553 -18.56 -8.88 14.08
C LEU A 553 -19.96 -8.75 14.67
N GLU A 554 -20.28 -9.55 15.69
CA GLU A 554 -21.61 -9.60 16.33
C GLU A 554 -21.95 -8.27 17.03
N LYS A 555 -20.94 -7.71 17.71
CA LYS A 555 -20.99 -6.39 18.40
C LYS A 555 -21.22 -5.20 17.45
N GLU A 556 -20.60 -5.23 16.26
CA GLU A 556 -20.63 -4.12 15.33
C GLU A 556 -21.70 -4.21 14.22
N TYR A 557 -21.87 -5.39 13.60
CA TYR A 557 -22.80 -5.59 12.48
C TYR A 557 -24.16 -6.19 12.89
N LYS A 558 -24.25 -6.76 14.10
CA LYS A 558 -25.50 -7.41 14.58
C LYS A 558 -26.05 -8.49 13.63
N VAL A 559 -25.18 -9.43 13.28
CA VAL A 559 -25.58 -10.68 12.57
C VAL A 559 -25.08 -11.83 13.44
N LYS A 560 -25.88 -12.89 13.56
CA LYS A 560 -25.46 -14.10 14.25
C LYS A 560 -24.42 -14.82 13.38
N ILE A 561 -23.19 -14.87 13.90
CA ILE A 561 -22.09 -15.57 13.24
C ILE A 561 -22.02 -17.01 13.76
N ASN A 562 -22.01 -17.95 12.82
CA ASN A 562 -21.80 -19.39 13.09
C ASN A 562 -20.29 -19.64 13.36
N PRO A 563 -19.93 -20.17 14.54
CA PRO A 563 -18.49 -20.40 14.80
C PRO A 563 -17.87 -21.53 13.97
N SER A 564 -18.65 -22.55 13.59
CA SER A 564 -18.11 -23.67 12.77
C SER A 564 -18.08 -23.39 11.24
N SER A 565 -18.66 -22.26 10.80
CA SER A 565 -18.68 -21.84 9.40
C SER A 565 -17.30 -21.41 8.90
N MET A 566 -17.11 -21.50 7.58
CA MET A 566 -15.88 -21.14 6.86
C MET A 566 -15.85 -19.62 6.56
N PHE A 567 -14.84 -18.90 7.08
CA PHE A 567 -14.61 -17.46 6.85
C PHE A 567 -14.01 -17.25 5.44
N ASP A 568 -14.86 -16.76 4.53
CA ASP A 568 -14.58 -16.55 3.07
C ASP A 568 -14.35 -15.05 3.00
N VAL A 569 -13.11 -14.61 2.72
CA VAL A 569 -12.74 -13.17 2.83
C VAL A 569 -12.25 -12.60 1.49
N HIS A 570 -12.84 -11.48 1.05
CA HIS A 570 -12.47 -10.78 -0.19
C HIS A 570 -12.33 -9.29 0.15
N VAL A 571 -11.10 -8.89 0.45
CA VAL A 571 -10.82 -7.53 0.88
C VAL A 571 -9.79 -6.84 -0.03
N LYS A 572 -10.27 -5.85 -0.74
CA LYS A 572 -9.50 -4.99 -1.63
C LYS A 572 -10.39 -3.88 -2.21
N ARG A 573 -9.76 -2.95 -2.92
CA ARG A 573 -10.41 -1.89 -3.69
C ARG A 573 -11.62 -2.44 -4.44
N ILE A 574 -12.76 -1.75 -4.33
CA ILE A 574 -13.95 -2.15 -5.08
C ILE A 574 -13.71 -1.64 -6.51
N HIS A 575 -13.59 -2.59 -7.42
CA HIS A 575 -13.32 -2.31 -8.81
C HIS A 575 -13.83 -3.46 -9.67
N GLU A 576 -14.24 -3.15 -10.91
CA GLU A 576 -14.71 -4.19 -11.84
C GLU A 576 -13.65 -5.28 -12.12
N TYR A 577 -12.37 -4.88 -12.25
CA TYR A 577 -11.27 -5.81 -12.55
C TYR A 577 -10.95 -6.75 -11.38
N LYS A 578 -11.30 -6.35 -10.17
CA LYS A 578 -11.05 -7.17 -8.97
C LYS A 578 -12.13 -8.21 -8.80
N ARG A 579 -13.29 -7.98 -9.44
CA ARG A 579 -14.42 -8.92 -9.59
C ARG A 579 -15.09 -9.41 -8.30
N GLN A 580 -15.44 -8.48 -7.41
CA GLN A 580 -16.29 -8.74 -6.28
C GLN A 580 -17.65 -9.32 -6.80
N LEU A 581 -18.11 -8.87 -8.00
CA LEU A 581 -19.34 -9.35 -8.63
C LEU A 581 -19.32 -10.86 -8.89
N LEU A 582 -18.16 -11.38 -9.31
CA LEU A 582 -17.98 -12.81 -9.48
C LEU A 582 -18.25 -13.53 -8.16
N ASN A 583 -17.75 -12.95 -7.05
CA ASN A 583 -17.99 -13.46 -5.69
C ASN A 583 -19.49 -13.32 -5.29
N CYS A 584 -20.12 -12.20 -5.68
CA CYS A 584 -21.55 -11.95 -5.46
C CYS A 584 -22.43 -13.03 -6.12
N LEU A 585 -22.11 -13.40 -7.36
CA LEU A 585 -22.84 -14.41 -8.12
C LEU A 585 -22.76 -15.79 -7.46
N HIS A 586 -21.60 -16.10 -6.88
CA HIS A 586 -21.36 -17.34 -6.16
C HIS A 586 -22.26 -17.40 -4.94
N VAL A 587 -22.33 -16.29 -4.23
CA VAL A 587 -23.12 -16.18 -3.00
C VAL A 587 -24.62 -16.35 -3.29
N VAL A 588 -25.09 -15.74 -4.40
CA VAL A 588 -26.49 -15.81 -4.82
C VAL A 588 -26.80 -17.28 -5.23
N THR A 589 -25.88 -17.93 -5.98
CA THR A 589 -25.99 -19.32 -6.37
C THR A 589 -26.13 -20.26 -5.17
N LEU A 590 -25.33 -20.01 -4.12
CA LEU A 590 -25.39 -20.74 -2.88
C LEU A 590 -26.72 -20.50 -2.16
N TYR A 591 -27.20 -19.25 -2.15
CA TYR A 591 -28.49 -18.90 -1.52
C TYR A 591 -29.63 -19.70 -2.18
N ASN A 592 -29.64 -19.70 -3.52
CA ASN A 592 -30.60 -20.41 -4.33
C ASN A 592 -30.56 -21.94 -4.12
N ARG A 593 -29.35 -22.48 -3.99
CA ARG A 593 -29.12 -23.92 -3.69
C ARG A 593 -29.67 -24.38 -2.35
N ILE A 594 -29.56 -23.53 -1.31
CA ILE A 594 -30.11 -23.82 0.02
C ILE A 594 -31.64 -23.73 -0.07
N LYS A 595 -32.15 -22.81 -0.87
CA LYS A 595 -33.60 -22.63 -1.02
C LYS A 595 -34.31 -23.79 -1.76
N ARG A 596 -33.66 -24.34 -2.80
CA ARG A 596 -34.14 -25.50 -3.59
C ARG A 596 -34.23 -26.78 -2.74
N ASP A 597 -33.18 -27.05 -1.95
CA ASP A 597 -33.09 -28.24 -1.08
C ASP A 597 -32.67 -27.89 0.37
N PRO A 598 -33.56 -27.26 1.16
CA PRO A 598 -33.18 -26.81 2.51
C PRO A 598 -32.77 -27.88 3.50
N ALA A 599 -33.12 -29.13 3.24
CA ALA A 599 -32.79 -30.29 4.09
C ALA A 599 -31.33 -30.75 3.89
N LYS A 600 -30.77 -30.47 2.70
CA LYS A 600 -29.44 -30.91 2.27
C LYS A 600 -28.30 -30.39 3.19
N ALA A 601 -27.28 -31.23 3.36
CA ALA A 601 -26.09 -30.90 4.15
C ALA A 601 -25.23 -29.93 3.31
N PHE A 602 -24.98 -28.75 3.89
CA PHE A 602 -24.29 -27.62 3.20
C PHE A 602 -23.14 -27.16 4.10
N VAL A 603 -21.96 -26.89 3.49
CA VAL A 603 -20.79 -26.37 4.24
C VAL A 603 -21.08 -24.89 4.66
N PRO A 604 -21.17 -24.59 5.97
CA PRO A 604 -21.54 -23.22 6.34
C PRO A 604 -20.45 -22.17 6.00
N ARG A 605 -20.90 -21.00 5.50
CA ARG A 605 -19.99 -19.93 5.14
C ARG A 605 -20.37 -18.58 5.73
N THR A 606 -19.35 -17.87 6.20
CA THR A 606 -19.42 -16.46 6.49
C THR A 606 -18.62 -15.78 5.36
N VAL A 607 -19.33 -15.17 4.41
CA VAL A 607 -18.72 -14.44 3.30
C VAL A 607 -18.59 -12.96 3.68
N MET A 608 -17.33 -12.50 3.70
CA MET A 608 -16.97 -11.10 4.04
C MET A 608 -16.38 -10.47 2.80
N ILE A 609 -16.96 -9.34 2.40
CA ILE A 609 -16.48 -8.54 1.27
C ILE A 609 -16.24 -7.15 1.84
N GLY A 610 -15.06 -6.60 1.59
CA GLY A 610 -14.69 -5.28 2.09
C GLY A 610 -13.89 -4.50 1.07
N GLY A 611 -13.77 -3.20 1.30
CA GLY A 611 -13.05 -2.34 0.41
C GLY A 611 -13.72 -1.02 0.09
N LYS A 612 -12.90 -0.04 -0.25
CA LYS A 612 -13.36 1.31 -0.56
C LYS A 612 -13.52 1.52 -2.07
N ALA A 613 -14.62 2.19 -2.46
CA ALA A 613 -14.86 2.60 -3.85
C ALA A 613 -14.40 4.04 -4.08
N ALA A 614 -13.77 4.31 -5.22
CA ALA A 614 -13.34 5.66 -5.58
C ALA A 614 -14.64 6.55 -5.64
N PRO A 615 -14.61 7.76 -5.00
CA PRO A 615 -15.85 8.54 -4.86
C PRO A 615 -16.66 8.77 -6.15
N GLY A 616 -15.96 9.00 -7.27
CA GLY A 616 -16.66 9.16 -8.55
C GLY A 616 -16.93 7.90 -9.39
N TYR A 617 -16.75 6.70 -8.80
CA TYR A 617 -16.85 5.42 -9.56
C TYR A 617 -18.26 4.79 -9.33
N HIS A 618 -19.16 5.19 -10.21
CA HIS A 618 -20.54 4.79 -10.23
C HIS A 618 -20.72 3.26 -10.12
N MET A 619 -20.04 2.49 -10.99
CA MET A 619 -20.13 1.03 -10.92
C MET A 619 -19.67 0.41 -9.58
N ALA A 620 -18.56 0.88 -9.03
CA ALA A 620 -18.06 0.38 -7.76
C ALA A 620 -19.01 0.68 -6.58
N LYS A 621 -19.72 1.81 -6.62
CA LYS A 621 -20.69 2.13 -5.56
C LYS A 621 -21.94 1.26 -5.68
N LEU A 622 -22.33 0.95 -6.92
CA LEU A 622 -23.41 0.00 -7.22
C LEU A 622 -23.07 -1.37 -6.66
N ILE A 623 -21.83 -1.79 -6.85
CA ILE A 623 -21.30 -3.07 -6.35
C ILE A 623 -21.38 -3.18 -4.80
N ILE A 624 -20.99 -2.13 -4.07
CA ILE A 624 -21.09 -2.11 -2.60
C ILE A 624 -22.53 -2.30 -2.15
N LYS A 625 -23.43 -1.61 -2.88
CA LYS A 625 -24.87 -1.67 -2.65
C LYS A 625 -25.39 -3.06 -2.91
N LEU A 626 -24.90 -3.73 -3.96
CA LEU A 626 -25.27 -5.12 -4.27
C LEU A 626 -24.93 -6.06 -3.11
N VAL A 627 -23.72 -5.93 -2.58
CA VAL A 627 -23.26 -6.77 -1.46
C VAL A 627 -24.15 -6.62 -0.24
N THR A 628 -24.49 -5.38 0.12
CA THR A 628 -25.31 -5.13 1.32
C THR A 628 -26.74 -5.56 1.10
N SER A 629 -27.24 -5.40 -0.15
CA SER A 629 -28.59 -5.80 -0.58
C SER A 629 -28.71 -7.32 -0.54
N ILE A 630 -27.71 -8.04 -1.08
CA ILE A 630 -27.62 -9.52 -0.97
C ILE A 630 -27.65 -9.98 0.49
N GLY A 631 -26.76 -9.41 1.31
CA GLY A 631 -26.68 -9.68 2.76
C GLY A 631 -28.01 -9.50 3.49
N ASP A 632 -28.75 -8.43 3.16
CA ASP A 632 -30.07 -8.15 3.76
C ASP A 632 -31.04 -9.29 3.54
N VAL A 633 -31.05 -9.82 2.31
CA VAL A 633 -31.90 -10.98 1.93
C VAL A 633 -31.40 -12.28 2.61
N VAL A 634 -30.11 -12.60 2.41
CA VAL A 634 -29.48 -13.83 2.88
C VAL A 634 -29.53 -13.96 4.41
N ASN A 635 -29.06 -12.95 5.11
CA ASN A 635 -28.88 -13.00 6.56
C ASN A 635 -30.24 -12.96 7.33
N HIS A 636 -31.33 -12.55 6.68
CA HIS A 636 -32.62 -12.46 7.36
C HIS A 636 -33.62 -13.53 6.89
N ASP A 637 -33.17 -14.48 6.08
CA ASP A 637 -34.00 -15.58 5.56
C ASP A 637 -33.99 -16.75 6.56
N PRO A 638 -35.17 -17.13 7.10
CA PRO A 638 -35.20 -18.16 8.17
C PRO A 638 -34.92 -19.58 7.64
N VAL A 639 -35.24 -19.84 6.37
CA VAL A 639 -34.92 -21.10 5.68
C VAL A 639 -33.38 -21.29 5.60
N VAL A 640 -32.64 -20.18 5.37
CA VAL A 640 -31.18 -20.18 5.26
C VAL A 640 -30.51 -20.39 6.63
N GLY A 641 -30.92 -19.61 7.64
CA GLY A 641 -30.40 -19.70 9.00
C GLY A 641 -28.89 -19.56 9.13
N ASP A 642 -28.26 -20.46 9.90
CA ASP A 642 -26.82 -20.39 10.20
C ASP A 642 -25.92 -21.00 9.11
N ARG A 643 -26.48 -21.29 7.95
CA ARG A 643 -25.69 -21.86 6.85
C ARG A 643 -24.90 -20.81 6.03
N LEU A 644 -25.49 -19.63 5.82
CA LEU A 644 -24.87 -18.57 5.00
C LEU A 644 -25.14 -17.18 5.58
N LYS A 645 -24.04 -16.45 5.78
CA LYS A 645 -24.04 -15.04 6.22
C LYS A 645 -23.12 -14.23 5.29
N VAL A 646 -23.58 -13.05 4.88
CA VAL A 646 -22.90 -12.16 3.95
C VAL A 646 -22.71 -10.82 4.67
N ILE A 647 -21.46 -10.37 4.81
CA ILE A 647 -21.25 -9.09 5.43
C ILE A 647 -20.35 -8.19 4.59
N PHE A 648 -20.75 -6.94 4.46
CA PHE A 648 -19.86 -5.94 3.90
C PHE A 648 -19.02 -5.32 5.04
N LEU A 649 -17.73 -5.62 5.06
CA LEU A 649 -16.82 -5.05 6.09
C LEU A 649 -16.58 -3.58 5.82
N GLU A 650 -17.18 -2.74 6.66
CA GLU A 650 -17.10 -1.28 6.58
C GLU A 650 -15.67 -0.79 6.92
N ASN A 651 -15.15 0.08 6.04
CA ASN A 651 -13.93 0.84 6.22
C ASN A 651 -12.67 -0.02 6.31
N TYR A 652 -12.42 -0.82 5.27
CA TYR A 652 -11.23 -1.65 5.22
C TYR A 652 -10.00 -0.70 5.19
N ARG A 653 -9.16 -0.86 6.22
CA ARG A 653 -7.97 -0.07 6.56
C ARG A 653 -6.88 -1.09 6.97
N VAL A 654 -5.69 -0.60 7.31
CA VAL A 654 -4.61 -1.41 7.84
C VAL A 654 -5.04 -2.12 9.12
N SER A 655 -5.56 -1.37 10.10
CA SER A 655 -5.92 -1.94 11.41
C SER A 655 -6.97 -3.05 11.37
N LEU A 656 -7.92 -2.93 10.42
CA LEU A 656 -8.97 -3.90 10.21
C LEU A 656 -8.43 -5.15 9.50
N ALA A 657 -7.49 -4.95 8.56
CA ALA A 657 -6.77 -6.04 7.87
C ALA A 657 -6.13 -6.97 8.92
N GLU A 658 -5.55 -6.36 9.95
CA GLU A 658 -4.90 -7.09 11.05
C GLU A 658 -5.87 -7.88 11.95
N LYS A 659 -7.16 -7.56 11.89
CA LYS A 659 -8.18 -8.32 12.64
C LYS A 659 -8.71 -9.49 11.78
N VAL A 660 -9.11 -9.16 10.54
CA VAL A 660 -9.72 -10.10 9.60
C VAL A 660 -8.78 -11.14 8.95
N ILE A 661 -7.54 -10.75 8.62
CA ILE A 661 -6.63 -11.67 7.92
C ILE A 661 -6.31 -12.91 8.79
N PRO A 662 -5.94 -12.73 10.08
CA PRO A 662 -5.67 -13.91 10.93
C PRO A 662 -6.86 -14.86 11.16
N ALA A 663 -8.09 -14.37 10.95
CA ALA A 663 -9.34 -15.13 11.11
C ALA A 663 -9.89 -15.77 9.82
N ALA A 664 -9.19 -15.58 8.70
CA ALA A 664 -9.67 -16.10 7.44
C ALA A 664 -9.30 -17.58 7.15
N ASP A 665 -10.26 -18.33 6.63
CA ASP A 665 -10.07 -19.69 6.15
C ASP A 665 -9.75 -19.63 4.66
N LEU A 666 -10.52 -18.81 3.93
CA LEU A 666 -10.36 -18.67 2.46
C LEU A 666 -10.10 -17.24 2.02
N SER A 667 -9.12 -17.07 1.13
CA SER A 667 -8.70 -15.81 0.55
C SER A 667 -9.08 -15.76 -0.91
N GLN A 668 -9.95 -14.81 -1.26
CA GLN A 668 -10.38 -14.57 -2.64
C GLN A 668 -9.47 -13.53 -3.28
N GLN A 669 -8.77 -13.99 -4.32
CA GLN A 669 -7.82 -13.27 -5.11
C GLN A 669 -8.18 -13.57 -6.56
N ILE A 670 -9.33 -13.02 -6.99
CA ILE A 670 -10.05 -13.51 -8.17
C ILE A 670 -10.08 -12.50 -9.35
N SER A 671 -9.08 -11.64 -9.44
CA SER A 671 -9.02 -10.66 -10.54
C SER A 671 -8.86 -11.35 -11.87
N THR A 672 -9.34 -10.75 -12.96
CA THR A 672 -9.16 -11.30 -14.31
C THR A 672 -7.66 -11.42 -14.59
N ALA A 673 -7.26 -12.57 -15.16
CA ALA A 673 -5.86 -12.83 -15.45
C ALA A 673 -5.35 -11.77 -16.43
N GLY A 674 -4.18 -11.22 -16.12
CA GLY A 674 -3.54 -10.21 -16.94
C GLY A 674 -3.70 -8.79 -16.41
N THR A 675 -4.46 -8.63 -15.33
CA THR A 675 -4.75 -7.31 -14.76
C THR A 675 -3.87 -6.96 -13.55
N GLU A 676 -3.44 -7.95 -12.79
CA GLU A 676 -2.69 -7.74 -11.54
C GLU A 676 -1.18 -7.89 -11.75
N ALA A 677 -0.40 -6.93 -11.24
CA ALA A 677 1.06 -6.95 -11.33
C ALA A 677 1.61 -7.88 -10.23
N SER A 678 1.22 -7.61 -8.99
CA SER A 678 1.64 -8.38 -7.82
C SER A 678 0.46 -8.58 -6.89
N GLY A 679 0.29 -7.69 -5.92
CA GLY A 679 -0.65 -7.91 -4.81
C GLY A 679 0.14 -8.28 -3.59
N THR A 680 -0.27 -7.78 -2.44
CA THR A 680 0.42 -8.10 -1.20
C THR A 680 -0.56 -8.68 -0.18
N GLY A 681 -1.86 -8.48 -0.40
CA GLY A 681 -2.90 -9.05 0.44
C GLY A 681 -2.87 -10.57 0.38
N ASN A 682 -2.72 -11.06 -0.86
CA ASN A 682 -2.44 -12.48 -1.21
C ASN A 682 -1.48 -13.12 -0.18
N MET A 683 -0.33 -12.44 -0.01
CA MET A 683 0.78 -12.84 0.85
C MET A 683 0.40 -12.85 2.31
N LYS A 684 -0.44 -11.89 2.70
CA LYS A 684 -0.86 -11.79 4.10
C LYS A 684 -1.72 -12.96 4.52
N PHE A 685 -2.70 -13.33 3.70
CA PHE A 685 -3.55 -14.52 3.93
C PHE A 685 -2.73 -15.87 4.00
N MET A 686 -1.76 -16.03 3.08
CA MET A 686 -0.86 -17.19 3.01
C MET A 686 -0.04 -17.39 4.28
N LEU A 687 0.49 -16.31 4.83
CA LEU A 687 1.24 -16.36 6.08
C LEU A 687 0.37 -16.62 7.32
N ASN A 688 -0.90 -16.22 7.28
CA ASN A 688 -1.79 -16.34 8.46
C ASN A 688 -2.71 -17.58 8.49
N GLY A 689 -2.47 -18.53 7.58
CA GLY A 689 -3.19 -19.80 7.63
C GLY A 689 -4.45 -19.93 6.79
N ALA A 690 -4.56 -19.14 5.71
CA ALA A 690 -5.71 -19.18 4.83
C ALA A 690 -5.31 -19.82 3.52
N LEU A 691 -6.27 -20.51 2.88
CA LEU A 691 -6.02 -21.06 1.56
C LEU A 691 -6.56 -20.04 0.57
N THR A 692 -6.01 -20.07 -0.62
CA THR A 692 -6.21 -19.10 -1.64
C THR A 692 -7.02 -19.67 -2.81
N ILE A 693 -8.10 -18.97 -3.16
CA ILE A 693 -8.88 -19.22 -4.39
C ILE A 693 -8.53 -18.04 -5.26
N GLY A 694 -7.96 -18.31 -6.42
CA GLY A 694 -7.53 -17.26 -7.30
C GLY A 694 -7.29 -17.65 -8.72
N THR A 695 -7.03 -16.64 -9.54
CA THR A 695 -6.63 -16.82 -10.94
C THR A 695 -5.10 -16.87 -11.02
N MET A 696 -4.56 -17.28 -12.18
CA MET A 696 -3.10 -17.40 -12.40
C MET A 696 -2.57 -16.06 -12.90
N ASP A 697 -2.45 -15.13 -11.96
CA ASP A 697 -1.95 -13.79 -12.26
C ASP A 697 -1.40 -13.18 -10.97
N GLY A 698 -0.53 -12.18 -11.14
CA GLY A 698 0.08 -11.45 -10.03
C GLY A 698 0.86 -12.34 -9.09
N ALA A 699 0.68 -12.09 -7.80
CA ALA A 699 1.37 -12.79 -6.73
C ALA A 699 1.00 -14.27 -6.65
N ASN A 700 -0.24 -14.62 -7.04
CA ASN A 700 -0.77 -15.98 -6.98
C ASN A 700 0.16 -16.98 -7.70
N VAL A 701 0.74 -16.55 -8.84
CA VAL A 701 1.66 -17.33 -9.69
C VAL A 701 2.91 -17.77 -8.91
N GLU A 702 3.56 -16.81 -8.26
CA GLU A 702 4.76 -17.06 -7.47
C GLU A 702 4.44 -17.76 -6.18
N MET A 703 3.20 -17.64 -5.73
CA MET A 703 2.72 -18.33 -4.51
C MET A 703 2.47 -19.82 -4.81
N ALA A 704 1.91 -20.09 -5.99
CA ALA A 704 1.71 -21.43 -6.52
C ALA A 704 3.06 -22.10 -6.70
N GLU A 705 3.98 -21.41 -7.40
CA GLU A 705 5.34 -21.88 -7.66
C GLU A 705 6.13 -22.18 -6.36
N GLU A 706 5.88 -21.43 -5.30
CA GLU A 706 6.55 -21.63 -4.01
C GLU A 706 6.00 -22.82 -3.20
N ALA A 707 4.68 -22.97 -3.16
CA ALA A 707 3.99 -24.00 -2.38
C ALA A 707 3.49 -25.23 -3.20
N GLY A 708 3.64 -25.15 -4.53
CA GLY A 708 3.07 -26.10 -5.47
C GLY A 708 1.61 -25.75 -5.72
N ALA A 709 1.27 -25.57 -6.99
CA ALA A 709 -0.09 -25.19 -7.46
C ALA A 709 -1.23 -26.08 -6.91
N GLU A 710 -0.94 -27.32 -6.56
CA GLU A 710 -1.96 -28.24 -6.01
C GLU A 710 -2.46 -27.79 -4.63
N ASN A 711 -1.63 -27.06 -3.89
CA ASN A 711 -1.97 -26.50 -2.57
C ASN A 711 -2.73 -25.16 -2.62
N LEU A 712 -3.01 -24.70 -3.82
CA LEU A 712 -3.79 -23.50 -4.08
C LEU A 712 -4.97 -23.84 -4.98
N PHE A 713 -6.07 -23.10 -4.81
CA PHE A 713 -7.28 -23.26 -5.62
C PHE A 713 -7.26 -22.33 -6.85
N ILE A 714 -6.35 -22.60 -7.77
CA ILE A 714 -6.24 -21.91 -9.04
C ILE A 714 -7.37 -22.36 -9.98
N PHE A 715 -8.00 -21.39 -10.67
CA PHE A 715 -9.16 -21.60 -11.56
C PHE A 715 -9.17 -20.56 -12.68
N GLY A 716 -10.05 -20.80 -13.65
CA GLY A 716 -10.40 -19.83 -14.67
C GLY A 716 -9.37 -19.57 -15.72
N LEU A 717 -9.70 -18.60 -16.57
CA LEU A 717 -8.91 -18.18 -17.71
C LEU A 717 -7.49 -17.80 -17.33
N ARG A 718 -6.56 -18.24 -18.16
CA ARG A 718 -5.14 -17.92 -17.97
C ARG A 718 -4.94 -16.71 -18.82
N VAL A 719 -3.82 -16.04 -18.64
CA VAL A 719 -3.52 -14.80 -19.38
C VAL A 719 -3.75 -15.03 -20.88
N GLU A 720 -3.13 -16.07 -21.43
CA GLU A 720 -3.25 -16.48 -22.85
C GLU A 720 -4.68 -16.84 -23.30
N ASP A 721 -5.48 -17.40 -22.37
CA ASP A 721 -6.89 -17.73 -22.61
C ASP A 721 -7.76 -16.47 -22.73
N VAL A 722 -7.47 -15.48 -21.87
CA VAL A 722 -8.10 -14.16 -21.92
C VAL A 722 -7.85 -13.57 -23.29
N GLU A 723 -6.61 -13.61 -23.76
CA GLU A 723 -6.24 -13.10 -25.10
C GLU A 723 -6.98 -13.83 -26.22
N ALA A 724 -7.10 -15.15 -26.07
CA ALA A 724 -7.79 -16.01 -27.04
C ALA A 724 -9.29 -15.77 -27.08
N LEU A 725 -9.88 -15.42 -25.94
CA LEU A 725 -11.29 -15.00 -25.88
C LEU A 725 -11.53 -13.64 -26.56
N ASP A 726 -10.53 -12.74 -26.52
CA ASP A 726 -10.62 -11.43 -27.20
C ASP A 726 -10.52 -11.60 -28.73
N ARG A 727 -9.81 -12.66 -29.17
CA ARG A 727 -9.71 -13.05 -30.59
C ARG A 727 -11.04 -13.63 -31.10
N LYS A 728 -11.71 -14.43 -30.28
CA LYS A 728 -13.04 -14.98 -30.58
C LYS A 728 -14.11 -13.91 -30.47
N GLY A 729 -13.96 -13.05 -29.45
CA GLY A 729 -14.92 -12.04 -29.09
C GLY A 729 -15.80 -12.57 -27.97
N TYR A 730 -15.81 -11.85 -26.87
CA TYR A 730 -16.60 -12.26 -25.70
C TYR A 730 -18.05 -11.85 -25.88
N ASN A 731 -18.90 -12.88 -25.83
CA ASN A 731 -20.34 -12.77 -25.92
C ASN A 731 -20.88 -13.36 -24.63
N ALA A 732 -21.07 -12.47 -23.66
CA ALA A 732 -21.54 -12.82 -22.33
C ALA A 732 -22.96 -13.38 -22.33
N ARG A 733 -23.75 -13.00 -23.34
CA ARG A 733 -25.12 -13.51 -23.49
C ARG A 733 -25.21 -15.06 -23.56
N GLU A 734 -24.28 -15.67 -24.33
CA GLU A 734 -24.12 -17.13 -24.49
C GLU A 734 -23.93 -17.88 -23.19
N TYR A 735 -23.31 -17.22 -22.23
CA TYR A 735 -23.03 -17.78 -20.90
C TYR A 735 -24.31 -17.73 -20.04
N TYR A 736 -24.97 -16.57 -20.03
CA TYR A 736 -26.19 -16.33 -19.29
C TYR A 736 -27.30 -17.26 -19.77
N ASP A 737 -27.38 -17.43 -21.10
CA ASP A 737 -28.36 -18.30 -21.75
C ASP A 737 -28.22 -19.76 -21.45
N HIS A 738 -26.98 -20.26 -21.35
CA HIS A 738 -26.74 -21.71 -21.20
C HIS A 738 -26.13 -22.14 -19.87
N LEU A 739 -26.32 -21.35 -18.83
CA LEU A 739 -25.89 -21.68 -17.46
C LEU A 739 -27.06 -21.33 -16.56
N PRO A 740 -27.85 -22.35 -16.16
CA PRO A 740 -29.11 -22.06 -15.46
C PRO A 740 -28.96 -21.38 -14.09
N GLU A 741 -27.98 -21.81 -13.30
CA GLU A 741 -27.75 -21.25 -11.96
C GLU A 741 -27.36 -19.74 -12.02
N LEU A 742 -26.63 -19.39 -13.08
CA LEU A 742 -26.22 -18.03 -13.39
C LEU A 742 -27.43 -17.21 -13.86
N LYS A 743 -28.21 -17.75 -14.82
CA LYS A 743 -29.43 -17.06 -15.34
C LYS A 743 -30.40 -16.67 -14.20
N GLN A 744 -30.64 -17.61 -13.28
CA GLN A 744 -31.47 -17.37 -12.09
C GLN A 744 -30.90 -16.23 -11.22
N ALA A 745 -29.58 -16.29 -10.96
CA ALA A 745 -28.88 -15.27 -10.13
C ALA A 745 -28.95 -13.85 -10.77
N VAL A 746 -28.62 -13.75 -12.06
CA VAL A 746 -28.68 -12.49 -12.82
C VAL A 746 -30.12 -11.94 -12.92
N ASP A 747 -31.10 -12.81 -13.18
CA ASP A 747 -32.53 -12.43 -13.24
C ASP A 747 -33.06 -11.84 -11.93
N GLN A 748 -32.63 -12.40 -10.79
CA GLN A 748 -32.99 -11.91 -9.45
C GLN A 748 -32.44 -10.52 -9.21
N ILE A 749 -31.17 -10.32 -9.63
CA ILE A 749 -30.47 -9.04 -9.51
C ILE A 749 -31.15 -7.99 -10.37
N SER A 750 -31.48 -8.39 -11.59
CA SER A 750 -32.17 -7.55 -12.59
C SER A 750 -33.65 -7.22 -12.22
N SER A 751 -34.42 -8.24 -11.79
CA SER A 751 -35.87 -8.10 -11.51
C SER A 751 -36.17 -7.36 -10.22
N GLY A 752 -35.17 -7.27 -9.34
CA GLY A 752 -35.30 -6.52 -8.08
C GLY A 752 -35.56 -7.39 -6.87
N PHE A 753 -35.25 -8.69 -6.96
CA PHE A 753 -35.36 -9.65 -5.84
C PHE A 753 -34.50 -9.24 -4.65
N PHE A 754 -33.34 -8.64 -4.93
CA PHE A 754 -32.42 -8.15 -3.88
C PHE A 754 -32.62 -6.67 -3.54
N SER A 755 -33.54 -6.01 -4.27
CA SER A 755 -33.88 -4.60 -4.12
C SER A 755 -35.41 -4.33 -4.29
N PRO A 756 -36.28 -4.96 -3.45
CA PRO A 756 -37.75 -4.90 -3.70
C PRO A 756 -38.37 -3.50 -3.89
N LYS A 757 -37.97 -2.56 -3.03
CA LYS A 757 -38.42 -1.17 -3.05
C LYS A 757 -37.93 -0.34 -4.25
N GLU A 758 -36.74 -0.65 -4.81
CA GLU A 758 -36.18 0.02 -6.03
C GLU A 758 -35.66 -1.06 -7.01
N PRO A 759 -36.57 -1.72 -7.74
CA PRO A 759 -36.21 -2.88 -8.57
C PRO A 759 -35.26 -2.67 -9.74
N ASP A 760 -34.97 -1.42 -10.11
CA ASP A 760 -34.02 -1.12 -11.18
C ASP A 760 -32.66 -0.60 -10.68
N CYS A 761 -32.38 -0.83 -9.39
CA CYS A 761 -31.18 -0.37 -8.69
C CYS A 761 -29.89 -0.90 -9.36
N PHE A 762 -29.88 -2.19 -9.76
CA PHE A 762 -28.73 -2.84 -10.38
C PHE A 762 -28.76 -2.98 -11.91
N LYS A 763 -29.68 -2.26 -12.55
CA LYS A 763 -29.76 -2.20 -14.01
C LYS A 763 -28.39 -1.98 -14.69
N ASP A 764 -27.57 -1.05 -14.17
CA ASP A 764 -26.27 -0.77 -14.81
C ASP A 764 -25.25 -1.89 -14.60
N ILE A 765 -25.35 -2.63 -13.50
CA ILE A 765 -24.54 -3.83 -13.22
C ILE A 765 -24.84 -4.91 -14.31
N VAL A 766 -26.13 -5.22 -14.49
CA VAL A 766 -26.61 -6.25 -15.43
C VAL A 766 -26.27 -5.84 -16.86
N ASN A 767 -26.56 -4.59 -17.22
CA ASN A 767 -26.25 -4.05 -18.54
C ASN A 767 -24.75 -4.18 -18.85
N MET A 768 -23.92 -4.00 -17.83
CA MET A 768 -22.47 -4.06 -17.99
C MET A 768 -22.04 -5.53 -18.19
N LEU A 769 -22.51 -6.42 -17.32
CA LEU A 769 -22.18 -7.86 -17.41
C LEU A 769 -22.58 -8.53 -18.73
N MET A 770 -23.60 -8.00 -19.41
CA MET A 770 -24.11 -8.57 -20.66
C MET A 770 -23.50 -7.95 -21.90
N HIS A 771 -23.18 -6.65 -21.87
CA HIS A 771 -22.71 -5.89 -23.05
C HIS A 771 -21.28 -5.26 -22.99
N HIS A 772 -20.80 -4.75 -21.84
CA HIS A 772 -19.51 -4.02 -21.69
CA HIS A 772 -19.46 -4.14 -21.80
C HIS A 772 -18.54 -4.71 -20.71
N ASP A 773 -18.77 -5.97 -20.35
CA ASP A 773 -17.89 -6.58 -19.34
C ASP A 773 -16.53 -6.94 -19.92
N ARG A 774 -15.57 -6.03 -19.74
CA ARG A 774 -14.17 -6.26 -20.11
C ARG A 774 -13.42 -7.24 -19.20
N PHE A 775 -13.99 -7.55 -18.03
CA PHE A 775 -13.29 -8.37 -17.06
C PHE A 775 -13.78 -9.82 -17.00
N LYS A 776 -14.65 -10.17 -17.96
CA LYS A 776 -15.09 -11.53 -18.25
C LYS A 776 -15.61 -12.29 -17.04
N VAL A 777 -16.52 -11.65 -16.31
CA VAL A 777 -17.15 -12.23 -15.11
C VAL A 777 -17.92 -13.53 -15.44
N PHE A 778 -18.74 -13.52 -16.49
CA PHE A 778 -19.56 -14.71 -16.86
C PHE A 778 -18.67 -15.88 -17.35
N ALA A 779 -17.70 -15.56 -18.22
CA ALA A 779 -16.69 -16.51 -18.74
C ALA A 779 -15.91 -17.32 -17.69
N ASP A 780 -15.83 -16.82 -16.46
CA ASP A 780 -15.10 -17.47 -15.39
C ASP A 780 -16.02 -18.01 -14.30
N TYR A 781 -17.34 -17.73 -14.38
CA TYR A 781 -18.33 -18.21 -13.40
C TYR A 781 -18.37 -19.73 -13.19
N GLU A 782 -18.41 -20.50 -14.31
CA GLU A 782 -18.48 -21.99 -14.23
C GLU A 782 -17.24 -22.57 -13.55
N ALA A 783 -16.07 -22.17 -14.04
CA ALA A 783 -14.76 -22.53 -13.49
C ALA A 783 -14.63 -22.14 -12.01
N TYR A 784 -15.16 -20.96 -11.65
CA TYR A 784 -15.14 -20.45 -10.26
C TYR A 784 -16.04 -21.30 -9.34
N MET A 785 -17.28 -21.61 -9.79
CA MET A 785 -18.25 -22.49 -9.08
C MET A 785 -17.65 -23.86 -8.78
N GLN A 786 -17.10 -24.49 -9.82
CA GLN A 786 -16.44 -25.83 -9.74
C GLN A 786 -15.31 -25.79 -8.75
N CYS A 787 -14.51 -24.71 -8.82
CA CYS A 787 -13.38 -24.50 -7.91
C CYS A 787 -13.81 -24.31 -6.45
N GLN A 788 -14.90 -23.57 -6.23
CA GLN A 788 -15.48 -23.38 -4.88
C GLN A 788 -16.02 -24.70 -4.28
N ALA A 789 -16.51 -25.61 -5.14
CA ALA A 789 -16.95 -26.97 -4.76
C ALA A 789 -15.79 -27.80 -4.21
N GLN A 790 -14.63 -27.72 -4.88
CA GLN A 790 -13.35 -28.33 -4.42
C GLN A 790 -12.88 -27.73 -3.07
N VAL A 791 -13.19 -26.45 -2.86
CA VAL A 791 -12.92 -25.77 -1.61
C VAL A 791 -13.83 -26.36 -0.54
N ASP A 792 -15.12 -26.51 -0.89
CA ASP A 792 -16.16 -27.08 -0.01
C ASP A 792 -15.83 -28.51 0.39
N GLN A 793 -15.32 -29.31 -0.56
CA GLN A 793 -14.99 -30.71 -0.28
C GLN A 793 -13.75 -30.81 0.61
N LEU A 794 -12.80 -29.88 0.49
CA LEU A 794 -11.62 -29.88 1.38
C LEU A 794 -11.95 -29.41 2.79
N TYR A 795 -12.81 -28.41 2.94
CA TYR A 795 -13.19 -27.90 4.29
C TYR A 795 -13.96 -28.95 5.09
N ARG A 796 -14.67 -29.83 4.35
CA ARG A 796 -15.42 -30.99 4.89
C ARG A 796 -14.53 -32.00 5.62
N ASN A 797 -13.23 -31.96 5.30
CA ASN A 797 -12.17 -32.78 5.92
C ASN A 797 -11.18 -31.86 6.69
N PRO A 798 -11.51 -31.44 7.94
CA PRO A 798 -10.61 -30.56 8.74
C PRO A 798 -9.10 -30.81 8.69
N LYS A 799 -8.69 -32.07 8.82
CA LYS A 799 -7.25 -32.46 8.89
C LYS A 799 -6.51 -32.18 7.59
N GLU A 800 -7.09 -32.60 6.47
CA GLU A 800 -6.49 -32.37 5.14
C GLU A 800 -6.54 -30.88 4.73
N TRP A 801 -7.45 -30.11 5.35
CA TRP A 801 -7.58 -28.68 5.13
C TRP A 801 -6.36 -27.99 5.75
N THR A 802 -6.15 -28.25 7.04
CA THR A 802 -5.03 -27.75 7.84
C THR A 802 -3.68 -28.29 7.36
N LYS A 803 -3.64 -29.46 6.71
CA LYS A 803 -2.37 -29.99 6.18
C LYS A 803 -1.90 -29.12 5.04
N LYS A 804 -2.85 -28.80 4.13
CA LYS A 804 -2.65 -27.88 2.98
C LYS A 804 -2.23 -26.45 3.46
N VAL A 805 -2.81 -26.01 4.58
CA VAL A 805 -2.50 -24.73 5.24
C VAL A 805 -1.02 -24.71 5.66
N ILE A 806 -0.57 -25.75 6.36
CA ILE A 806 0.81 -25.88 6.82
C ILE A 806 1.76 -25.82 5.61
N ARG A 807 1.38 -26.45 4.51
CA ARG A 807 2.17 -26.40 3.26
C ARG A 807 2.30 -24.99 2.66
N ASN A 808 1.25 -24.16 2.82
CA ASN A 808 1.19 -22.76 2.39
C ASN A 808 2.08 -21.86 3.23
N ILE A 809 1.96 -21.98 4.56
CA ILE A 809 2.68 -21.18 5.54
C ILE A 809 4.19 -21.45 5.42
N ALA A 810 4.55 -22.74 5.30
CA ALA A 810 5.93 -23.20 5.21
C ALA A 810 6.63 -22.69 3.96
N CYS A 811 5.87 -22.50 2.88
CA CYS A 811 6.41 -21.97 1.63
C CYS A 811 6.16 -20.45 1.35
N SER A 812 5.87 -19.67 2.38
CA SER A 812 5.57 -18.23 2.22
C SER A 812 6.77 -17.31 2.50
N GLY A 813 7.87 -17.87 3.02
CA GLY A 813 9.05 -17.16 3.45
C GLY A 813 9.66 -16.20 2.47
N LYS A 814 9.61 -16.58 1.19
CA LYS A 814 9.98 -15.72 0.06
C LYS A 814 9.30 -14.31 0.07
N PHE A 815 8.05 -14.26 0.57
CA PHE A 815 7.21 -13.05 0.52
C PHE A 815 7.40 -12.11 1.72
N SER A 816 8.57 -12.21 2.35
CA SER A 816 9.04 -11.30 3.38
C SER A 816 9.65 -10.05 2.74
N SER A 817 9.26 -8.85 3.21
CA SER A 817 9.82 -7.63 2.66
C SER A 817 11.34 -7.49 2.97
N ASP A 818 11.84 -8.25 3.97
CA ASP A 818 13.28 -8.38 4.25
C ASP A 818 14.02 -8.91 2.99
N ARG A 819 13.46 -9.95 2.37
CA ARG A 819 14.00 -10.54 1.17
C ARG A 819 14.01 -9.51 0.02
N THR A 820 12.88 -8.82 -0.19
CA THR A 820 12.71 -7.76 -1.19
C THR A 820 13.71 -6.64 -0.99
N ILE A 821 13.81 -6.17 0.25
CA ILE A 821 14.69 -5.07 0.58
C ILE A 821 16.17 -5.49 0.45
N THR A 822 16.54 -6.70 0.90
CA THR A 822 17.92 -7.16 0.70
C THR A 822 18.27 -7.15 -0.80
N GLU A 823 17.32 -7.59 -1.62
CA GLU A 823 17.40 -7.57 -3.09
C GLU A 823 17.63 -6.14 -3.64
N TYR A 824 16.78 -5.18 -3.27
CA TYR A 824 16.94 -3.75 -3.65
C TYR A 824 18.34 -3.18 -3.24
N ALA A 825 18.72 -3.47 -2.00
CA ALA A 825 19.99 -3.05 -1.41
C ALA A 825 21.21 -3.52 -2.17
N ARG A 826 21.21 -4.78 -2.59
CA ARG A 826 22.39 -5.38 -3.27
C ARG A 826 22.39 -5.18 -4.77
N GLU A 827 21.23 -5.26 -5.40
CA GLU A 827 21.13 -5.19 -6.85
C GLU A 827 20.84 -3.79 -7.35
N ILE A 828 20.42 -2.87 -6.48
CA ILE A 828 20.13 -1.49 -6.89
C ILE A 828 20.92 -0.42 -6.10
N TRP A 829 20.80 -0.44 -4.79
CA TRP A 829 21.37 0.65 -3.95
C TRP A 829 22.86 0.55 -3.72
N GLY A 830 23.44 -0.64 -3.89
CA GLY A 830 24.85 -0.85 -3.56
C GLY A 830 25.16 -0.57 -2.10
N VAL A 831 24.32 -1.12 -1.22
CA VAL A 831 24.55 -1.12 0.21
C VAL A 831 24.37 -2.58 0.67
N GLU A 832 25.08 -2.93 1.73
CA GLU A 832 24.99 -4.24 2.33
C GLU A 832 24.21 -4.14 3.65
N PRO A 833 23.17 -4.97 3.85
CA PRO A 833 22.49 -4.99 5.16
C PRO A 833 23.41 -5.42 6.28
N SER A 834 23.17 -4.90 7.49
CA SER A 834 23.94 -5.19 8.72
C SER A 834 25.46 -4.77 8.67
N ASP A 835 25.82 -3.94 7.68
CA ASP A 835 27.14 -3.28 7.60
C ASP A 835 27.20 -2.10 8.61
N LEU A 836 26.03 -1.58 8.99
CA LEU A 836 25.84 -0.55 10.03
C LEU A 836 25.26 -1.27 11.26
N GLN A 837 25.94 -1.19 12.39
CA GLN A 837 25.50 -1.84 13.63
C GLN A 837 25.40 -0.74 14.70
N ILE A 838 24.18 -0.30 14.98
CA ILE A 838 23.94 0.75 15.97
C ILE A 838 24.12 0.11 17.38
N PRO A 839 24.97 0.70 18.23
CA PRO A 839 25.17 0.16 19.59
C PRO A 839 24.11 0.62 20.62
N PRO A 840 23.91 -0.13 21.75
CA PRO A 840 22.93 0.30 22.75
C PRO A 840 23.07 1.79 23.14
N PRO A 841 21.93 2.51 23.27
CA PRO A 841 22.02 3.98 23.51
C PRO A 841 22.47 4.43 24.92
N ASN A 842 22.42 5.75 25.18
CA ASN A 842 22.68 6.40 26.50
C ASN A 842 21.54 7.39 26.91
N ILE A 843 21.01 7.29 28.14
CA ILE A 843 19.86 8.11 28.65
C ILE A 843 20.34 9.33 29.49
#